data_3M1H
#
_entry.id   3M1H
#
_cell.length_a   43.251
_cell.length_b   123.131
_cell.length_c   62.614
_cell.angle_alpha   90.000
_cell.angle_beta   91.250
_cell.angle_gamma   90.000
#
_symmetry.space_group_name_H-M   'P 1 21 1'
#
loop_
_entity.id
_entity.type
_entity.pdbx_description
1 polymer 'Lysine specific cysteine protease'
2 non-polymer 'CALCIUM ION'
3 non-polymer 'SODIUM ION'
4 water water
#
_entity_poly.entity_id   1
_entity_poly.type   'polypeptide(L)'
_entity_poly.pdbx_seq_one_letter_code
;GSAEVLNEDFENGIPASWKTIDADGDGNNWTTTPPPGGSSFAGHNSAICVSSASYINFEGPQNPDNYLVTPELSLPGGGT
LTFWVCAQDANYASEHYAVYASSTGNDASNFANALLEEVLTAKTVVTAPEAIRGTRAQGTWYQKTVQLPAGTKYVAFRHF
GCTDFFWINLDDVVITSG
;
_entity_poly.pdbx_strand_id   A,B,C,D
#
loop_
_chem_comp.id
_chem_comp.type
_chem_comp.name
_chem_comp.formula
CA non-polymer 'CALCIUM ION' 'Ca 2'
NA non-polymer 'SODIUM ION' 'Na 1'
#
# COMPACT_ATOMS: atom_id res chain seq x y z
N ALA A 3 3.78 -20.02 34.10
CA ALA A 3 3.05 -18.84 34.64
C ALA A 3 2.57 -17.96 33.49
N GLU A 4 1.28 -17.64 33.50
CA GLU A 4 0.71 -16.84 32.43
C GLU A 4 0.90 -15.40 32.79
N VAL A 5 1.39 -14.61 31.86
CA VAL A 5 1.52 -13.18 32.03
C VAL A 5 0.48 -12.40 31.24
N LEU A 6 -0.18 -13.06 30.26
CA LEU A 6 -1.25 -12.44 29.50
C LEU A 6 -2.25 -13.52 29.11
N ASN A 7 -3.54 -13.22 29.21
CA ASN A 7 -4.58 -14.16 28.82
C ASN A 7 -5.78 -13.31 28.49
N GLU A 8 -5.97 -13.08 27.20
CA GLU A 8 -6.99 -12.17 26.72
C GLU A 8 -8.01 -12.87 25.82
N ASP A 9 -9.27 -12.80 26.24
CA ASP A 9 -10.38 -13.44 25.55
C ASP A 9 -11.23 -12.46 24.76
N PHE A 10 -10.93 -11.17 24.88
CA PHE A 10 -11.63 -10.08 24.19
C PHE A 10 -13.09 -9.91 24.56
N GLU A 11 -13.55 -10.58 25.63
CA GLU A 11 -14.97 -10.54 25.93
C GLU A 11 -15.42 -9.17 26.45
N ASN A 12 -14.49 -8.36 26.92
CA ASN A 12 -14.76 -6.95 27.18
C ASN A 12 -14.21 -5.97 26.15
N GLY A 13 -14.06 -6.45 24.91
CA GLY A 13 -13.46 -5.64 23.85
C GLY A 13 -11.94 -5.68 23.91
N ILE A 14 -11.34 -4.85 23.05
CA ILE A 14 -9.90 -4.61 23.12
C ILE A 14 -9.66 -3.84 24.41
N PRO A 15 -8.89 -4.42 25.35
CA PRO A 15 -8.66 -3.69 26.59
C PRO A 15 -7.90 -2.39 26.34
N ALA A 16 -8.16 -1.39 27.18
CA ALA A 16 -7.45 -0.12 27.14
C ALA A 16 -5.92 -0.26 27.25
N SER A 17 -5.44 -1.33 27.89
CA SER A 17 -4.02 -1.61 28.07
C SER A 17 -3.29 -2.05 26.74
N TRP A 18 -4.08 -2.52 25.79
CA TRP A 18 -3.57 -2.86 24.46
C TRP A 18 -3.56 -1.60 23.59
N LYS A 19 -2.97 -1.70 22.39
CA LYS A 19 -2.90 -0.55 21.50
C LYS A 19 -3.17 -0.98 20.08
N THR A 20 -3.96 -0.18 19.37
CA THR A 20 -4.14 -0.33 17.94
C THR A 20 -3.25 0.68 17.22
N ILE A 21 -2.70 0.25 16.08
CA ILE A 21 -1.95 1.16 15.21
C ILE A 21 -2.57 1.08 13.80
N ASP A 22 -3.10 2.21 13.33
CA ASP A 22 -3.64 2.31 11.96
C ASP A 22 -2.54 2.83 11.03
N ALA A 23 -1.65 1.93 10.61
CA ALA A 23 -0.47 2.38 9.83
C ALA A 23 -0.80 2.84 8.43
N ASP A 24 -1.82 2.27 7.80
CA ASP A 24 -2.21 2.75 6.47
C ASP A 24 -3.03 4.06 6.50
N GLY A 25 -3.64 4.37 7.62
CA GLY A 25 -4.29 5.66 7.84
C GLY A 25 -5.73 5.80 7.40
N ASP A 26 -6.39 4.69 7.06
CA ASP A 26 -7.77 4.77 6.56
C ASP A 26 -8.88 4.91 7.58
N GLY A 27 -8.52 4.85 8.87
CA GLY A 27 -9.47 4.88 9.97
C GLY A 27 -10.02 3.56 10.44
N ASN A 28 -9.72 2.51 9.69
CA ASN A 28 -10.14 1.15 10.00
C ASN A 28 -9.01 0.44 10.74
N ASN A 29 -9.39 -0.24 11.83
CA ASN A 29 -8.44 -0.91 12.70
C ASN A 29 -8.86 -2.35 12.99
N TRP A 30 -8.01 -3.01 13.76
CA TRP A 30 -8.48 -4.17 14.48
C TRP A 30 -9.60 -3.66 15.38
N THR A 31 -10.67 -4.43 15.44
CA THR A 31 -11.87 -4.03 16.16
C THR A 31 -12.74 -5.23 16.59
N THR A 32 -13.47 -5.05 17.68
CA THR A 32 -14.50 -6.01 18.07
C THR A 32 -15.89 -5.57 17.64
N THR A 33 -15.99 -4.48 16.90
CA THR A 33 -17.30 -4.01 16.39
C THR A 33 -17.17 -3.80 14.88
N PRO A 34 -16.90 -4.88 14.11
CA PRO A 34 -16.71 -4.73 12.67
C PRO A 34 -17.92 -4.11 11.97
N PRO A 35 -17.68 -3.04 11.19
CA PRO A 35 -18.80 -2.53 10.38
C PRO A 35 -19.18 -3.46 9.22
N PRO A 36 -20.43 -3.37 8.74
CA PRO A 36 -21.47 -2.44 9.19
C PRO A 36 -22.38 -2.93 10.32
N GLY A 37 -22.23 -4.19 10.67
CA GLY A 37 -22.99 -4.74 11.79
C GLY A 37 -22.73 -4.11 13.15
N GLY A 38 -21.47 -3.78 13.40
CA GLY A 38 -21.07 -3.15 14.66
C GLY A 38 -21.07 -4.06 15.86
N SER A 39 -21.18 -5.36 15.65
CA SER A 39 -21.11 -6.38 16.70
C SER A 39 -20.07 -7.40 16.26
N SER A 40 -19.39 -7.97 17.24
CA SER A 40 -18.37 -8.97 16.97
C SER A 40 -18.87 -10.14 16.15
N PHE A 41 -18.02 -10.62 15.27
CA PHE A 41 -18.19 -11.93 14.66
C PHE A 41 -18.09 -12.99 15.78
N ALA A 42 -18.60 -14.17 15.50
CA ALA A 42 -18.61 -15.26 16.49
C ALA A 42 -17.19 -15.59 16.91
N GLY A 43 -16.92 -15.51 18.22
CA GLY A 43 -15.57 -15.75 18.73
C GLY A 43 -15.25 -17.23 18.81
N HIS A 44 -14.05 -17.54 19.27
CA HIS A 44 -13.63 -18.91 19.41
C HIS A 44 -14.29 -19.44 20.69
N ASN A 45 -15.24 -20.35 20.48
CA ASN A 45 -16.03 -20.92 21.59
C ASN A 45 -16.43 -19.83 22.57
N SER A 46 -16.80 -18.67 22.04
CA SER A 46 -17.04 -17.49 22.85
C SER A 46 -17.75 -16.42 21.98
N ALA A 47 -18.29 -15.39 22.62
CA ALA A 47 -19.05 -14.37 21.92
C ALA A 47 -18.19 -13.39 21.11
N ILE A 48 -17.05 -12.99 21.64
CA ILE A 48 -16.28 -11.89 21.03
C ILE A 48 -14.91 -12.33 20.55
N CYS A 49 -14.53 -11.83 19.38
CA CYS A 49 -13.17 -11.86 18.92
C CYS A 49 -12.81 -10.52 18.29
N VAL A 50 -11.52 -10.32 17.97
CA VAL A 50 -11.06 -9.06 17.42
C VAL A 50 -10.67 -9.32 15.99
N SER A 51 -11.01 -8.35 15.11
CA SER A 51 -11.01 -8.60 13.66
C SER A 51 -10.46 -7.42 12.89
N SER A 52 -9.87 -7.72 11.74
CA SER A 52 -9.37 -6.66 10.84
C SER A 52 -9.77 -6.99 9.39
N ALA A 53 -10.14 -5.95 8.64
CA ALA A 53 -10.74 -6.13 7.30
C ALA A 53 -9.80 -5.88 6.16
N SER A 54 -9.86 -6.78 5.18
CA SER A 54 -9.38 -6.51 3.80
C SER A 54 -10.55 -6.19 2.89
N TYR A 55 -11.78 -6.30 3.36
CA TYR A 55 -13.00 -5.97 2.61
C TYR A 55 -14.12 -5.73 3.58
N ILE A 56 -14.86 -4.63 3.41
CA ILE A 56 -15.97 -4.28 4.30
C ILE A 56 -17.25 -4.23 3.49
N ASN A 57 -18.26 -4.97 3.91
CA ASN A 57 -19.56 -4.96 3.22
C ASN A 57 -20.11 -3.53 3.17
N PHE A 58 -20.74 -3.21 2.04
CA PHE A 58 -21.32 -1.88 1.74
C PHE A 58 -20.25 -0.80 1.54
N GLU A 59 -18.98 -1.17 1.48
CA GLU A 59 -17.88 -0.23 1.26
C GLU A 59 -16.95 -0.69 0.16
N GLY A 60 -16.36 -1.88 0.31
CA GLY A 60 -15.51 -2.45 -0.69
C GLY A 60 -14.16 -2.85 -0.13
N PRO A 61 -13.20 -3.14 -1.00
CA PRO A 61 -11.86 -3.58 -0.65
C PRO A 61 -11.14 -2.50 0.18
N GLN A 62 -10.37 -2.97 1.15
CA GLN A 62 -9.49 -2.14 1.97
C GLN A 62 -8.03 -2.55 1.74
N ASN A 63 -7.10 -1.70 2.14
CA ASN A 63 -5.68 -1.97 2.10
C ASN A 63 -5.08 -1.85 3.49
N PRO A 64 -5.39 -2.82 4.34
CA PRO A 64 -4.99 -2.68 5.75
C PRO A 64 -3.49 -2.76 5.96
N ASP A 65 -3.03 -1.95 6.92
CA ASP A 65 -1.76 -2.16 7.59
C ASP A 65 -2.06 -1.82 9.04
N ASN A 66 -2.71 -2.77 9.69
CA ASN A 66 -3.28 -2.60 11.02
C ASN A 66 -2.54 -3.45 12.03
N TYR A 67 -2.08 -2.83 13.12
CA TYR A 67 -1.46 -3.56 14.25
C TYR A 67 -2.35 -3.58 15.46
N LEU A 68 -2.25 -4.68 16.16
CA LEU A 68 -2.82 -4.88 17.51
C LEU A 68 -1.67 -5.27 18.41
N VAL A 69 -1.38 -4.42 19.40
CA VAL A 69 -0.18 -4.54 20.25
C VAL A 69 -0.60 -4.84 21.69
N THR A 70 0.06 -5.81 22.30
CA THR A 70 -0.17 -6.16 23.68
C THR A 70 0.25 -5.03 24.61
N PRO A 71 -0.18 -5.10 25.88
CA PRO A 71 0.46 -4.25 26.85
C PRO A 71 1.92 -4.68 27.08
N GLU A 72 2.67 -3.87 27.83
CA GLU A 72 4.06 -4.15 28.09
C GLU A 72 4.19 -5.42 28.91
N LEU A 73 5.11 -6.28 28.48
CA LEU A 73 5.33 -7.63 29.02
C LEU A 73 6.67 -7.65 29.75
N SER A 74 6.79 -8.52 30.76
CA SER A 74 8.08 -8.80 31.36
C SER A 74 8.41 -10.26 31.10
N LEU A 75 9.35 -10.50 30.19
CA LEU A 75 9.78 -11.83 29.81
C LEU A 75 11.31 -11.93 29.84
N PRO A 76 11.87 -11.77 31.04
CA PRO A 76 13.34 -11.70 31.16
C PRO A 76 14.07 -12.95 30.67
N GLY A 77 13.39 -14.10 30.73
CA GLY A 77 13.90 -15.35 30.18
C GLY A 77 13.18 -15.88 28.94
N GLY A 78 12.39 -15.02 28.30
CA GLY A 78 11.55 -15.44 27.20
C GLY A 78 10.21 -16.01 27.66
N GLY A 79 9.47 -16.46 26.67
CA GLY A 79 8.13 -16.99 26.85
C GLY A 79 7.53 -17.61 25.61
N THR A 80 6.25 -17.99 25.71
CA THR A 80 5.54 -18.67 24.65
C THR A 80 4.18 -18.01 24.46
N LEU A 81 3.91 -17.65 23.20
CA LEU A 81 2.63 -17.10 22.78
C LEU A 81 1.83 -18.21 22.13
N THR A 82 0.56 -18.31 22.52
CA THR A 82 -0.44 -19.04 21.74
C THR A 82 -1.64 -18.17 21.51
N PHE A 83 -2.29 -18.40 20.38
CA PHE A 83 -3.47 -17.66 19.99
C PHE A 83 -4.25 -18.45 18.96
N TRP A 84 -5.48 -18.03 18.75
CA TRP A 84 -6.35 -18.65 17.75
C TRP A 84 -6.70 -17.65 16.65
N VAL A 85 -6.73 -18.14 15.41
CA VAL A 85 -6.95 -17.31 14.23
C VAL A 85 -7.91 -18.00 13.30
N CYS A 86 -8.78 -17.23 12.64
CA CYS A 86 -9.54 -17.78 11.53
C CYS A 86 -9.88 -16.68 10.52
N ALA A 87 -10.26 -17.12 9.33
CA ALA A 87 -10.85 -16.26 8.37
C ALA A 87 -12.33 -16.10 8.67
N GLN A 88 -12.86 -14.89 8.68
CA GLN A 88 -14.30 -14.74 8.92
C GLN A 88 -15.21 -15.36 7.84
N ASP A 89 -14.76 -15.29 6.59
CA ASP A 89 -15.46 -15.95 5.50
C ASP A 89 -14.57 -17.08 5.01
N ALA A 90 -14.95 -18.33 5.28
CA ALA A 90 -14.17 -19.50 4.85
C ALA A 90 -13.88 -19.48 3.34
N ASN A 91 -14.71 -18.79 2.57
CA ASN A 91 -14.62 -18.74 1.10
C ASN A 91 -13.88 -17.53 0.51
N TYR A 92 -13.48 -16.61 1.40
CA TYR A 92 -12.55 -15.53 1.07
C TYR A 92 -11.54 -15.50 2.21
N ALA A 93 -10.76 -16.57 2.29
CA ALA A 93 -9.96 -16.86 3.49
C ALA A 93 -8.54 -16.28 3.47
N SER A 94 -8.06 -15.76 2.34
CA SER A 94 -6.61 -15.60 2.11
C SER A 94 -6.04 -14.32 2.74
N GLU A 95 -6.30 -14.13 4.03
CA GLU A 95 -5.79 -12.96 4.74
C GLU A 95 -4.35 -13.19 5.12
N HIS A 96 -3.55 -12.13 5.03
CA HIS A 96 -2.13 -12.13 5.27
C HIS A 96 -1.86 -11.41 6.60
N TYR A 97 -1.16 -12.09 7.49
CA TYR A 97 -0.81 -11.49 8.78
C TYR A 97 0.55 -11.91 9.25
N ALA A 98 1.08 -11.16 10.20
CA ALA A 98 2.34 -11.50 10.85
C ALA A 98 2.30 -11.16 12.34
N VAL A 99 3.19 -11.79 13.10
CA VAL A 99 3.35 -11.60 14.53
C VAL A 99 4.79 -11.16 14.77
N TYR A 100 4.98 -10.10 15.55
CA TYR A 100 6.32 -9.54 15.81
C TYR A 100 6.54 -9.37 17.31
N ALA A 101 7.80 -9.41 17.75
CA ALA A 101 8.18 -9.03 19.10
C ALA A 101 9.11 -7.79 19.01
N SER A 102 8.97 -6.93 20.00
CA SER A 102 9.88 -5.82 20.23
C SER A 102 10.46 -5.91 21.63
N SER A 103 11.75 -5.59 21.73
CA SER A 103 12.45 -5.48 23.02
C SER A 103 12.56 -4.06 23.56
N THR A 104 12.00 -3.08 22.84
CA THR A 104 12.04 -1.68 23.25
C THR A 104 10.63 -1.09 23.25
N GLY A 105 10.25 -0.47 22.15
CA GLY A 105 9.03 0.29 22.05
C GLY A 105 7.89 -0.44 21.38
N ASN A 106 6.78 0.26 21.24
CA ASN A 106 5.56 -0.32 20.68
C ASN A 106 4.98 0.48 19.54
N ASP A 107 5.86 1.02 18.70
CA ASP A 107 5.44 1.67 17.45
C ASP A 107 5.80 0.81 16.27
N ALA A 108 5.28 1.15 15.10
CA ALA A 108 5.41 0.27 13.93
C ALA A 108 6.87 -0.07 13.66
N SER A 109 7.77 0.91 13.77
CA SER A 109 9.18 0.66 13.43
C SER A 109 9.88 -0.31 14.37
N ASN A 110 9.34 -0.50 15.56
CA ASN A 110 9.85 -1.48 16.51
C ASN A 110 9.51 -2.94 16.17
N PHE A 111 8.58 -3.13 15.25
CA PHE A 111 8.12 -4.47 14.84
C PHE A 111 8.68 -4.81 13.45
N ALA A 112 9.81 -5.50 13.47
CA ALA A 112 10.51 -5.92 12.26
C ALA A 112 10.90 -7.37 12.48
N ASN A 113 11.28 -8.10 11.45
CA ASN A 113 11.63 -9.51 11.61
CA ASN A 113 11.61 -9.51 11.59
C ASN A 113 10.44 -10.27 12.22
N ALA A 114 9.48 -10.62 11.39
CA ALA A 114 8.33 -11.40 11.85
C ALA A 114 8.78 -12.74 12.43
N LEU A 115 8.23 -13.09 13.59
CA LEU A 115 8.36 -14.41 14.18
C LEU A 115 7.49 -15.47 13.46
N LEU A 116 6.37 -15.03 12.89
CA LEU A 116 5.41 -15.82 12.15
C LEU A 116 4.79 -14.90 11.12
N GLU A 117 4.71 -15.37 9.88
CA GLU A 117 4.04 -14.66 8.83
C GLU A 117 3.38 -15.68 7.93
N GLU A 118 2.10 -15.50 7.69
CA GLU A 118 1.39 -16.44 6.84
C GLU A 118 0.16 -15.86 6.17
N VAL A 119 -0.28 -16.59 5.14
CA VAL A 119 -1.52 -16.35 4.47
C VAL A 119 -2.41 -17.53 4.76
N LEU A 120 -3.57 -17.26 5.36
CA LEU A 120 -4.46 -18.35 5.79
C LEU A 120 -4.83 -19.21 4.60
N THR A 121 -4.88 -20.53 4.82
CA THR A 121 -5.16 -21.49 3.75
C THR A 121 -6.61 -21.42 3.27
N ALA A 122 -6.81 -21.32 1.96
CA ALA A 122 -8.15 -21.39 1.41
C ALA A 122 -8.51 -22.87 1.22
N LYS A 123 -9.48 -23.37 1.98
CA LYS A 123 -9.94 -24.74 1.87
C LYS A 123 -11.15 -24.83 0.97
N THR A 124 -11.88 -23.72 0.88
CA THR A 124 -13.03 -23.55 0.03
C THR A 124 -13.00 -22.14 -0.54
N VAL A 125 -13.62 -21.96 -1.69
CA VAL A 125 -13.73 -20.66 -2.36
C VAL A 125 -15.09 -20.57 -3.03
N VAL A 126 -15.50 -19.35 -3.41
CA VAL A 126 -16.75 -19.15 -4.16
C VAL A 126 -16.55 -19.43 -5.65
N PRO A 129 -17.72 -14.81 -6.81
CA PRO A 129 -17.43 -13.38 -6.79
C PRO A 129 -18.65 -12.58 -6.34
N GLU A 130 -18.62 -12.08 -5.10
CA GLU A 130 -19.82 -11.51 -4.48
C GLU A 130 -19.57 -10.16 -3.87
N ALA A 131 -20.53 -9.25 -4.02
CA ALA A 131 -20.47 -7.94 -3.38
C ALA A 131 -20.57 -8.04 -1.86
N ILE A 132 -21.49 -8.87 -1.37
CA ILE A 132 -21.75 -9.07 0.07
C ILE A 132 -21.15 -10.41 0.47
N ARG A 133 -20.17 -10.34 1.36
CA ARG A 133 -19.43 -11.48 1.80
C ARG A 133 -19.77 -11.82 3.25
N GLY A 134 -19.17 -12.88 3.76
CA GLY A 134 -19.49 -13.33 5.11
C GLY A 134 -20.88 -13.94 5.28
N THR A 135 -21.47 -14.41 4.19
CA THR A 135 -22.84 -14.91 4.19
C THR A 135 -22.97 -16.40 4.43
N ARG A 136 -21.85 -17.10 4.57
CA ARG A 136 -21.88 -18.55 4.75
C ARG A 136 -21.11 -18.91 6.00
N ALA A 137 -20.20 -19.87 5.92
CA ALA A 137 -19.56 -20.36 7.12
C ALA A 137 -18.31 -19.55 7.45
N GLN A 138 -18.06 -19.46 8.73
CA GLN A 138 -16.78 -18.99 9.20
C GLN A 138 -15.68 -20.01 8.90
N GLY A 139 -14.45 -19.54 8.73
CA GLY A 139 -13.32 -20.41 8.59
C GLY A 139 -13.07 -21.14 9.89
N THR A 140 -12.33 -22.23 9.80
CA THR A 140 -11.91 -22.98 10.95
C THR A 140 -10.94 -22.17 11.83
N TRP A 141 -11.17 -22.20 13.13
CA TRP A 141 -10.23 -21.66 14.10
C TRP A 141 -9.05 -22.61 14.23
N TYR A 142 -7.85 -22.04 14.14
CA TYR A 142 -6.60 -22.76 14.30
C TYR A 142 -5.76 -22.10 15.37
N GLN A 143 -5.18 -22.93 16.25
CA GLN A 143 -4.25 -22.41 17.25
C GLN A 143 -2.83 -22.36 16.72
N LYS A 144 -2.15 -21.26 16.98
CA LYS A 144 -0.76 -21.03 16.59
C LYS A 144 0.09 -20.85 17.83
N THR A 145 1.36 -21.26 17.74
CA THR A 145 2.32 -21.18 18.83
C THR A 145 3.58 -20.50 18.34
N VAL A 146 3.99 -19.45 19.05
CA VAL A 146 5.17 -18.66 18.67
C VAL A 146 6.07 -18.50 19.88
N GLN A 147 7.36 -18.80 19.74
CA GLN A 147 8.28 -18.60 20.83
C GLN A 147 8.79 -17.16 20.88
N LEU A 148 8.83 -16.59 22.07
CA LEU A 148 9.18 -15.19 22.29
C LEU A 148 10.55 -15.07 22.95
N PRO A 149 11.47 -14.29 22.36
CA PRO A 149 12.80 -14.22 22.94
C PRO A 149 12.84 -13.49 24.25
N ALA A 150 13.86 -13.77 25.03
CA ALA A 150 14.11 -13.04 26.27
C ALA A 150 14.19 -11.53 26.00
N GLY A 151 13.58 -10.74 26.86
CA GLY A 151 13.53 -9.30 26.71
C GLY A 151 12.43 -8.78 25.82
N THR A 152 11.56 -9.66 25.30
CA THR A 152 10.38 -9.20 24.57
C THR A 152 9.52 -8.38 25.51
N LYS A 153 9.19 -7.15 25.11
CA LYS A 153 8.35 -6.26 25.89
C LYS A 153 6.96 -6.08 25.26
N TYR A 154 6.87 -6.24 23.95
CA TYR A 154 5.58 -6.11 23.27
C TYR A 154 5.48 -7.13 22.16
N VAL A 155 4.25 -7.64 21.97
CA VAL A 155 3.91 -8.49 20.82
C VAL A 155 2.88 -7.74 19.98
N ALA A 156 3.08 -7.72 18.65
CA ALA A 156 2.16 -7.13 17.71
C ALA A 156 1.65 -8.14 16.70
N PHE A 157 0.35 -8.10 16.46
CA PHE A 157 -0.34 -8.81 15.39
C PHE A 157 -0.62 -7.80 14.28
N ARG A 158 -0.19 -8.10 13.07
CA ARG A 158 -0.25 -7.16 11.97
C ARG A 158 -1.01 -7.75 10.81
N HIS A 159 -2.06 -7.10 10.35
CA HIS A 159 -2.84 -7.51 9.18
C HIS A 159 -2.44 -6.56 8.06
N PHE A 160 -1.83 -7.07 6.99
CA PHE A 160 -1.21 -6.16 6.00
C PHE A 160 -0.97 -6.88 4.70
N GLY A 161 -0.55 -6.15 3.68
CA GLY A 161 -0.10 -6.80 2.45
C GLY A 161 -1.14 -7.73 1.86
N CYS A 162 -2.39 -7.31 1.91
CA CYS A 162 -3.48 -8.04 1.27
C CYS A 162 -4.68 -7.13 1.08
N THR A 163 -5.57 -7.54 0.19
CA THR A 163 -6.77 -6.78 -0.12
C THR A 163 -7.80 -7.72 -0.75
N ASP A 164 -9.06 -7.38 -0.51
CA ASP A 164 -10.18 -7.95 -1.23
C ASP A 164 -10.50 -9.40 -0.91
N PHE A 165 -10.41 -9.77 0.37
CA PHE A 165 -10.95 -11.05 0.86
C PHE A 165 -12.12 -10.74 1.80
N PHE A 166 -11.95 -10.83 3.12
CA PHE A 166 -12.99 -10.34 3.99
C PHE A 166 -12.42 -9.84 5.33
N TRP A 167 -12.47 -10.61 6.41
CA TRP A 167 -11.84 -10.21 7.68
C TRP A 167 -11.03 -11.38 8.22
N ILE A 168 -9.97 -11.04 8.96
CA ILE A 168 -9.21 -11.98 9.80
C ILE A 168 -9.66 -11.78 11.26
N ASN A 169 -9.79 -12.88 11.98
CA ASN A 169 -10.18 -12.88 13.39
C ASN A 169 -9.10 -13.48 14.28
N LEU A 170 -8.96 -12.92 15.48
CA LEU A 170 -8.02 -13.38 16.49
CA LEU A 170 -8.03 -13.42 16.51
C LEU A 170 -8.78 -13.55 17.81
N ASP A 171 -8.40 -14.55 18.59
CA ASP A 171 -9.03 -14.73 19.92
C ASP A 171 -8.07 -15.51 20.82
N ASP A 172 -8.35 -15.45 22.13
CA ASP A 172 -7.70 -16.33 23.11
C ASP A 172 -6.15 -16.26 23.02
N VAL A 173 -5.64 -15.04 23.19
CA VAL A 173 -4.20 -14.78 23.21
C VAL A 173 -3.66 -15.07 24.59
N VAL A 174 -2.72 -16.00 24.70
CA VAL A 174 -2.13 -16.39 25.98
C VAL A 174 -0.59 -16.33 25.86
N ILE A 175 0.08 -15.71 26.82
CA ILE A 175 1.54 -15.63 26.89
C ILE A 175 1.96 -16.16 28.26
N THR A 176 2.86 -17.13 28.22
CA THR A 176 3.40 -17.74 29.43
C THR A 176 4.88 -17.41 29.49
N SER A 177 5.41 -17.27 30.69
CA SER A 177 6.84 -16.93 30.82
C SER A 177 7.65 -18.21 30.98
N GLY A 178 8.93 -18.11 30.67
CA GLY A 178 9.86 -19.23 30.82
C GLY A 178 10.53 -19.57 29.51
N ALA B 3 -10.89 -28.83 -32.90
CA ALA B 3 -9.55 -28.35 -33.37
C ALA B 3 -8.79 -27.61 -32.28
N GLU B 4 -7.47 -27.82 -32.26
CA GLU B 4 -6.55 -27.11 -31.37
C GLU B 4 -6.39 -25.68 -31.84
N VAL B 5 -6.56 -24.74 -30.93
CA VAL B 5 -6.32 -23.33 -31.20
C VAL B 5 -5.09 -22.84 -30.43
N LEU B 6 -4.65 -23.63 -29.44
CA LEU B 6 -3.43 -23.31 -28.70
C LEU B 6 -2.80 -24.60 -28.20
N ASN B 7 -1.47 -24.70 -28.27
CA ASN B 7 -0.76 -25.87 -27.76
C ASN B 7 0.66 -25.45 -27.42
N GLU B 8 0.88 -25.17 -26.13
CA GLU B 8 2.11 -24.58 -25.67
C GLU B 8 2.86 -25.46 -24.66
N ASP B 9 4.08 -25.83 -25.03
CA ASP B 9 4.93 -26.69 -24.23
C ASP B 9 6.05 -25.94 -23.49
N PHE B 10 6.11 -24.62 -23.67
CA PHE B 10 7.11 -23.76 -23.06
C PHE B 10 8.56 -24.07 -23.38
N GLU B 11 8.80 -24.87 -24.43
CA GLU B 11 10.15 -25.32 -24.69
C GLU B 11 11.05 -24.24 -25.27
N ASN B 12 10.48 -23.19 -25.86
CA ASN B 12 11.19 -21.97 -26.23
C ASN B 12 10.85 -20.80 -25.33
N GLY B 13 10.44 -21.11 -24.09
CA GLY B 13 10.14 -20.10 -23.08
C GLY B 13 8.69 -19.67 -23.15
N ILE B 14 8.37 -18.64 -22.38
CA ILE B 14 7.06 -17.98 -22.49
C ILE B 14 7.02 -17.29 -23.86
N PRO B 15 6.12 -17.71 -24.76
CA PRO B 15 6.05 -17.03 -26.06
C PRO B 15 5.73 -15.53 -25.92
N ALA B 16 6.25 -14.73 -26.83
CA ALA B 16 6.02 -13.32 -26.78
C ALA B 16 4.54 -12.99 -27.02
N SER B 17 3.78 -13.91 -27.61
CA SER B 17 2.31 -13.78 -27.80
C SER B 17 1.53 -13.86 -26.49
N TRP B 18 2.14 -14.43 -25.46
CA TRP B 18 1.50 -14.47 -24.11
C TRP B 18 1.88 -13.22 -23.35
N LYS B 19 1.29 -13.05 -22.16
CA LYS B 19 1.50 -11.89 -21.32
C LYS B 19 1.61 -12.31 -19.87
N THR B 20 2.58 -11.74 -19.18
CA THR B 20 2.68 -11.82 -17.73
C THR B 20 2.15 -10.52 -17.14
N ILE B 21 1.48 -10.67 -16.01
CA ILE B 21 0.99 -9.56 -15.22
C ILE B 21 1.54 -9.71 -13.80
N ASP B 22 2.38 -8.77 -13.39
CA ASP B 22 2.89 -8.69 -12.03
C ASP B 22 1.96 -7.83 -11.19
N ALA B 23 0.82 -8.37 -10.74
CA ALA B 23 -0.18 -7.54 -10.06
C ALA B 23 0.28 -7.03 -8.71
N ASP B 24 1.10 -7.81 -8.00
CA ASP B 24 1.63 -7.40 -6.70
C ASP B 24 2.81 -6.43 -6.79
N GLY B 25 3.48 -6.39 -7.95
CA GLY B 25 4.48 -5.36 -8.22
C GLY B 25 5.87 -5.60 -7.69
N ASP B 26 6.18 -6.81 -7.20
CA ASP B 26 7.53 -7.11 -6.67
C ASP B 26 8.66 -7.38 -7.67
N GLY B 27 8.33 -7.44 -8.96
CA GLY B 27 9.23 -7.78 -10.04
C GLY B 27 9.45 -9.26 -10.32
N ASN B 28 8.79 -10.12 -9.53
CA ASN B 28 8.80 -11.57 -9.71
C ASN B 28 7.51 -11.97 -10.43
N ASN B 29 7.69 -12.76 -11.48
CA ASN B 29 6.63 -13.18 -12.37
C ASN B 29 6.60 -14.69 -12.53
N TRP B 30 5.59 -15.15 -13.27
CA TRP B 30 5.69 -16.43 -13.93
C TRP B 30 6.91 -16.37 -14.85
N THR B 31 7.72 -17.43 -14.81
CA THR B 31 9.01 -17.47 -15.50
C THR B 31 9.52 -18.85 -15.84
N THR B 32 10.21 -18.98 -16.96
CA THR B 32 10.94 -20.22 -17.29
C THR B 32 12.39 -20.18 -16.82
N THR B 33 12.80 -19.12 -16.16
CA THR B 33 14.18 -18.98 -15.66
C THR B 33 14.12 -18.66 -14.17
N PRO B 34 13.55 -19.57 -13.37
CA PRO B 34 13.39 -19.25 -11.96
C PRO B 34 14.70 -18.92 -11.23
N PRO B 35 14.78 -17.78 -10.51
CA PRO B 35 16.00 -17.52 -9.75
C PRO B 35 16.10 -18.45 -8.55
N PRO B 36 17.34 -18.71 -8.08
CA PRO B 36 18.62 -18.14 -8.54
C PRO B 36 19.30 -18.86 -9.69
N GLY B 37 18.88 -20.08 -10.01
CA GLY B 37 19.54 -20.86 -11.06
C GLY B 37 19.40 -20.34 -12.47
N GLY B 38 18.24 -19.74 -12.75
CA GLY B 38 18.00 -19.13 -14.05
C GLY B 38 17.77 -20.07 -15.18
N SER B 39 17.48 -21.34 -14.86
CA SER B 39 17.11 -22.36 -15.82
C SER B 39 15.86 -23.06 -15.27
N SER B 40 15.03 -23.54 -16.19
CA SER B 40 13.77 -24.17 -15.85
C SER B 40 13.91 -25.33 -14.89
N PHE B 41 12.94 -25.45 -13.98
CA PHE B 41 12.72 -26.70 -13.28
C PHE B 41 12.33 -27.80 -14.30
N ALA B 42 12.47 -29.07 -13.95
CA ALA B 42 12.13 -30.13 -14.87
C ALA B 42 10.68 -30.01 -15.28
N GLY B 43 10.43 -29.95 -16.57
CA GLY B 43 9.09 -29.86 -17.08
C GLY B 43 8.36 -31.19 -17.07
N HIS B 44 7.10 -31.13 -17.50
CA HIS B 44 6.29 -32.35 -17.60
C HIS B 44 6.79 -33.18 -18.79
N ASN B 45 7.47 -34.29 -18.50
CA ASN B 45 8.07 -35.17 -19.53
C ASN B 45 8.79 -34.32 -20.57
N SER B 46 9.54 -33.33 -20.08
CA SER B 46 10.16 -32.30 -20.95
C SER B 46 11.13 -31.42 -20.20
N ALA B 47 11.90 -30.62 -20.92
CA ALA B 47 12.94 -29.81 -20.30
C ALA B 47 12.37 -28.59 -19.58
N ILE B 48 11.37 -27.95 -20.16
CA ILE B 48 10.97 -26.64 -19.66
C ILE B 48 9.51 -26.60 -19.20
N CYS B 49 9.32 -25.92 -18.08
CA CYS B 49 7.98 -25.49 -17.66
C CYS B 49 8.03 -24.06 -17.16
N VAL B 50 6.86 -23.47 -16.92
CA VAL B 50 6.78 -22.11 -16.46
C VAL B 50 6.32 -22.10 -15.00
N SER B 51 6.89 -21.19 -14.20
CA SER B 51 6.81 -21.32 -12.74
C SER B 51 6.62 -19.98 -12.05
N SER B 52 5.97 -20.00 -10.89
CA SER B 52 5.78 -18.79 -10.12
C SER B 52 6.04 -19.10 -8.65
N ALA B 53 6.69 -18.17 -7.95
CA ALA B 53 7.26 -18.46 -6.62
C ALA B 53 6.44 -17.90 -5.49
N SER B 54 6.26 -18.70 -4.43
CA SER B 54 5.86 -18.20 -3.12
C SER B 54 7.06 -18.19 -2.13
N TYR B 55 8.20 -18.75 -2.56
CA TYR B 55 9.51 -18.67 -1.84
C TYR B 55 10.63 -18.83 -2.86
N ILE B 56 11.68 -17.97 -2.77
CA ILE B 56 12.84 -18.04 -3.65
C ILE B 56 14.11 -18.36 -2.85
N ASN B 57 14.86 -19.39 -3.24
CA ASN B 57 16.11 -19.72 -2.54
C ASN B 57 17.09 -18.52 -2.55
N PHE B 58 17.77 -18.33 -1.43
CA PHE B 58 18.76 -17.23 -1.21
C PHE B 58 18.08 -15.86 -1.14
N GLU B 59 16.76 -15.82 -1.12
CA GLU B 59 16.00 -14.58 -0.99
C GLU B 59 14.98 -14.67 0.10
N GLY B 60 14.01 -15.57 -0.03
CA GLY B 60 12.99 -15.71 1.00
C GLY B 60 11.57 -15.75 0.45
N PRO B 61 10.59 -15.68 1.34
CA PRO B 61 9.17 -15.77 1.00
C PRO B 61 8.72 -14.64 0.13
N GLN B 62 7.74 -14.93 -0.72
CA GLN B 62 7.16 -13.96 -1.63
C GLN B 62 5.65 -13.93 -1.46
N ASN B 63 5.02 -12.85 -1.92
CA ASN B 63 3.55 -12.70 -1.85
C ASN B 63 2.99 -12.47 -3.25
N PRO B 64 2.97 -13.56 -4.03
CA PRO B 64 2.59 -13.40 -5.43
C PRO B 64 1.14 -12.98 -5.69
N ASP B 65 0.97 -12.18 -6.73
CA ASP B 65 -0.30 -12.05 -7.42
C ASP B 65 0.11 -11.96 -8.89
N ASN B 66 0.48 -13.11 -9.43
CA ASN B 66 1.10 -13.19 -10.76
C ASN B 66 0.19 -13.87 -11.75
N TYR B 67 -0.02 -13.24 -12.91
CA TYR B 67 -0.86 -13.81 -13.96
C TYR B 67 0.02 -14.15 -15.15
N LEU B 68 -0.37 -15.24 -15.78
CA LEU B 68 0.13 -15.69 -17.07
C LEU B 68 -1.07 -15.82 -18.00
N VAL B 69 -1.07 -15.03 -19.09
CA VAL B 69 -2.24 -14.88 -19.93
C VAL B 69 -1.92 -15.38 -21.33
N THR B 70 -2.87 -16.11 -21.88
CA THR B 70 -2.75 -16.61 -23.24
C THR B 70 -2.81 -15.48 -24.25
N PRO B 71 -2.43 -15.78 -25.49
CA PRO B 71 -2.84 -14.87 -26.55
C PRO B 71 -4.37 -14.85 -26.70
N GLU B 72 -4.87 -13.87 -27.48
CA GLU B 72 -6.30 -13.77 -27.76
C GLU B 72 -6.78 -15.02 -28.49
N LEU B 73 -7.95 -15.52 -28.06
CA LEU B 73 -8.53 -16.75 -28.52
C LEU B 73 -9.84 -16.42 -29.25
N SER B 74 -10.21 -17.26 -30.22
CA SER B 74 -11.53 -17.17 -30.87
C SER B 74 -12.32 -18.44 -30.51
N LEU B 75 -13.29 -18.32 -29.59
CA LEU B 75 -14.08 -19.45 -29.13
C LEU B 75 -15.57 -19.08 -29.14
N PRO B 76 -16.11 -18.83 -30.35
CA PRO B 76 -17.51 -18.40 -30.53
C PRO B 76 -18.53 -19.38 -29.92
N GLY B 77 -18.21 -20.68 -29.96
CA GLY B 77 -19.04 -21.74 -29.37
C GLY B 77 -18.48 -22.34 -28.08
N GLY B 78 -17.47 -21.68 -27.51
CA GLY B 78 -16.79 -22.19 -26.30
C GLY B 78 -15.66 -23.14 -26.70
N GLY B 79 -15.06 -23.79 -25.71
CA GLY B 79 -13.95 -24.69 -25.98
C GLY B 79 -13.54 -25.41 -24.71
N THR B 80 -12.40 -26.08 -24.79
CA THR B 80 -11.89 -26.87 -23.65
C THR B 80 -10.37 -26.61 -23.45
N LEU B 81 -10.03 -26.33 -22.19
CA LEU B 81 -8.64 -26.16 -21.74
C LEU B 81 -8.10 -27.39 -21.03
N THR B 82 -6.91 -27.85 -21.43
CA THR B 82 -6.17 -28.92 -20.75
C THR B 82 -4.80 -28.37 -20.36
N PHE B 83 -4.38 -28.59 -19.12
CA PHE B 83 -3.02 -28.17 -18.75
C PHE B 83 -2.50 -29.10 -17.66
N TRP B 84 -1.22 -28.98 -17.34
CA TRP B 84 -0.56 -29.77 -16.28
C TRP B 84 0.07 -28.86 -15.24
N VAL B 85 -0.11 -29.22 -13.97
CA VAL B 85 0.38 -28.44 -12.84
C VAL B 85 1.11 -29.36 -11.84
N CYS B 86 2.13 -28.81 -11.19
CA CYS B 86 2.72 -29.47 -10.02
C CYS B 86 3.34 -28.50 -9.08
N ALA B 87 3.52 -28.92 -7.83
CA ALA B 87 4.33 -28.20 -6.89
C ALA B 87 5.78 -28.54 -7.13
N GLN B 88 6.66 -27.55 -7.19
CA GLN B 88 8.08 -27.84 -7.40
C GLN B 88 8.71 -28.58 -6.22
N ASP B 89 8.29 -28.25 -5.02
CA ASP B 89 8.79 -28.96 -3.82
C ASP B 89 7.65 -29.80 -3.29
N ALA B 90 7.80 -31.12 -3.35
CA ALA B 90 6.72 -32.03 -2.95
C ALA B 90 6.30 -31.83 -1.51
N ASN B 91 7.21 -31.35 -0.68
CA ASN B 91 6.89 -31.16 0.75
C ASN B 91 6.50 -29.74 1.16
N TYR B 92 6.78 -28.76 0.31
CA TYR B 92 6.32 -27.36 0.53
C TYR B 92 5.44 -27.01 -0.67
N ALA B 93 4.20 -27.52 -0.62
CA ALA B 93 3.37 -27.71 -1.83
C ALA B 93 2.11 -26.86 -1.94
N SER B 94 1.73 -26.11 -0.90
CA SER B 94 0.42 -25.46 -0.83
C SER B 94 0.31 -24.18 -1.62
N GLU B 95 0.66 -24.26 -2.91
CA GLU B 95 0.51 -23.17 -3.81
C GLU B 95 -0.96 -23.01 -4.21
N HIS B 96 -1.44 -21.78 -4.17
CA HIS B 96 -2.82 -21.41 -4.47
C HIS B 96 -2.90 -20.76 -5.86
N TYR B 97 -3.76 -21.29 -6.73
CA TYR B 97 -3.85 -20.74 -8.07
C TYR B 97 -5.29 -20.84 -8.57
N ALA B 98 -5.58 -20.10 -9.61
CA ALA B 98 -6.89 -20.12 -10.26
C ALA B 98 -6.70 -19.87 -11.77
N VAL B 99 -7.70 -20.32 -12.52
CA VAL B 99 -7.75 -20.15 -13.97
C VAL B 99 -9.04 -19.34 -14.24
N TYR B 100 -8.89 -18.27 -15.00
CA TYR B 100 -9.99 -17.36 -15.35
C TYR B 100 -10.16 -17.26 -16.83
N ALA B 101 -11.40 -16.98 -17.26
CA ALA B 101 -11.72 -16.61 -18.65
C ALA B 101 -12.17 -15.17 -18.66
N SER B 102 -11.74 -14.44 -19.67
CA SER B 102 -12.29 -13.09 -19.94
C SER B 102 -12.97 -13.11 -21.28
N SER B 103 -14.13 -12.43 -21.34
CA SER B 103 -14.82 -12.17 -22.61
C SER B 103 -14.48 -10.83 -23.28
N THR B 104 -13.60 -10.03 -22.67
CA THR B 104 -13.27 -8.72 -23.23
C THR B 104 -11.73 -8.57 -23.32
N GLY B 105 -11.12 -7.97 -22.32
CA GLY B 105 -9.69 -7.69 -22.37
C GLY B 105 -8.86 -8.68 -21.59
N ASN B 106 -7.58 -8.35 -21.48
CA ASN B 106 -6.58 -9.19 -20.84
C ASN B 106 -5.80 -8.49 -19.75
N ASP B 107 -6.49 -7.65 -18.97
CA ASP B 107 -5.91 -7.04 -17.75
C ASP B 107 -6.54 -7.68 -16.52
N ALA B 108 -5.94 -7.47 -15.36
CA ALA B 108 -6.36 -8.18 -14.12
C ALA B 108 -7.86 -8.09 -13.86
N SER B 109 -8.42 -6.89 -14.02
CA SER B 109 -9.86 -6.69 -13.76
C SER B 109 -10.78 -7.48 -14.68
N ASN B 110 -10.32 -7.88 -15.86
CA ASN B 110 -11.07 -8.74 -16.78
C ASN B 110 -11.20 -10.19 -16.31
N PHE B 111 -10.34 -10.60 -15.40
CA PHE B 111 -10.29 -11.97 -14.90
C PHE B 111 -10.93 -11.97 -13.53
N ALA B 112 -12.25 -12.05 -13.55
CA ALA B 112 -13.04 -11.88 -12.33
C ALA B 112 -13.53 -13.21 -11.79
N ASN B 113 -13.99 -14.08 -12.69
CA ASN B 113 -14.71 -15.30 -12.29
C ASN B 113 -13.89 -16.56 -12.60
N ALA B 114 -13.42 -17.21 -11.55
CA ALA B 114 -12.55 -18.35 -11.66
C ALA B 114 -13.34 -19.53 -12.19
N LEU B 115 -12.80 -20.18 -13.22
CA LEU B 115 -13.36 -21.44 -13.71
C LEU B 115 -12.82 -22.65 -12.96
N LEU B 116 -11.66 -22.49 -12.33
CA LEU B 116 -11.00 -23.51 -11.54
C LEU B 116 -10.14 -22.76 -10.49
N GLU B 117 -10.16 -23.24 -9.25
CA GLU B 117 -9.34 -22.65 -8.19
C GLU B 117 -8.94 -23.77 -7.25
N GLU B 118 -7.63 -23.90 -7.03
CA GLU B 118 -7.12 -25.01 -6.26
C GLU B 118 -5.95 -24.60 -5.38
N VAL B 119 -5.72 -25.39 -4.32
CA VAL B 119 -4.51 -25.33 -3.53
C VAL B 119 -3.88 -26.70 -3.66
N LEU B 120 -2.66 -26.76 -4.20
CA LEU B 120 -1.95 -28.01 -4.35
C LEU B 120 -1.68 -28.65 -2.99
N THR B 121 -1.52 -29.98 -3.00
CA THR B 121 -1.35 -30.71 -1.74
C THR B 121 -0.01 -31.43 -1.63
N ALA B 122 0.40 -31.63 -0.39
CA ALA B 122 1.60 -32.40 -0.03
C ALA B 122 1.13 -33.69 0.63
N LYS B 123 1.83 -34.77 0.36
CA LYS B 123 1.63 -36.04 1.05
C LYS B 123 2.25 -35.92 2.43
N THR B 124 3.48 -35.44 2.46
CA THR B 124 4.25 -35.29 3.69
C THR B 124 4.73 -33.86 3.83
N VAL B 125 4.45 -33.24 4.97
CA VAL B 125 4.92 -31.90 5.29
C VAL B 125 6.10 -31.94 6.26
N VAL B 126 6.87 -30.86 6.32
CA VAL B 126 7.99 -30.72 7.25
C VAL B 126 7.57 -29.90 8.48
N THR B 127 7.93 -30.33 9.68
CA THR B 127 7.49 -29.62 10.90
C THR B 127 8.08 -28.21 11.06
N ALA B 128 9.35 -28.03 10.70
CA ALA B 128 9.97 -26.71 10.77
C ALA B 128 10.52 -26.37 9.39
N PRO B 129 9.99 -25.30 8.77
CA PRO B 129 10.43 -24.97 7.41
C PRO B 129 11.93 -24.70 7.31
N GLU B 130 12.49 -25.07 6.17
CA GLU B 130 13.91 -25.03 5.92
C GLU B 130 14.28 -23.87 4.99
N ALA B 131 15.54 -23.44 5.05
CA ALA B 131 15.98 -22.23 4.35
C ALA B 131 16.23 -22.40 2.87
N ILE B 132 16.75 -23.56 2.48
CA ILE B 132 16.99 -23.90 1.09
C ILE B 132 15.98 -25.01 0.80
N ARG B 133 15.11 -24.77 -0.17
CA ARG B 133 14.03 -25.69 -0.50
C ARG B 133 14.27 -26.20 -1.88
N GLY B 134 13.38 -27.07 -2.35
CA GLY B 134 13.60 -27.74 -3.61
C GLY B 134 14.73 -28.75 -3.63
N THR B 135 15.03 -29.31 -2.46
CA THR B 135 16.20 -30.20 -2.29
C THR B 135 15.85 -31.69 -2.38
N ARG B 136 14.56 -32.00 -2.40
CA ARG B 136 14.07 -33.36 -2.43
C ARG B 136 13.32 -33.62 -3.75
N ALA B 137 12.11 -34.16 -3.65
CA ALA B 137 11.36 -34.54 -4.84
C ALA B 137 10.49 -33.37 -5.31
N GLN B 138 10.28 -33.35 -6.61
CA GLN B 138 9.24 -32.53 -7.24
C GLN B 138 7.88 -33.18 -6.98
N GLY B 139 6.83 -32.36 -6.86
CA GLY B 139 5.48 -32.89 -6.75
C GLY B 139 5.05 -33.61 -8.03
N THR B 140 4.03 -34.45 -7.88
CA THR B 140 3.44 -35.17 -9.02
C THR B 140 2.76 -34.18 -9.95
N TRP B 141 2.95 -34.39 -11.24
CA TRP B 141 2.23 -33.61 -12.27
C TRP B 141 0.80 -34.13 -12.47
N TYR B 142 -0.18 -33.23 -12.43
CA TYR B 142 -1.60 -33.58 -12.62
C TYR B 142 -2.17 -32.87 -13.84
N GLN B 143 -2.98 -33.61 -14.59
CA GLN B 143 -3.78 -33.08 -15.69
C GLN B 143 -5.05 -32.41 -15.20
N LYS B 144 -5.31 -31.20 -15.69
CA LYS B 144 -6.49 -30.41 -15.39
C LYS B 144 -7.27 -30.13 -16.66
N THR B 145 -8.60 -30.16 -16.56
CA THR B 145 -9.55 -29.94 -17.67
C THR B 145 -10.52 -28.86 -17.27
N VAL B 146 -10.66 -27.84 -18.11
CA VAL B 146 -11.55 -26.71 -17.82
C VAL B 146 -12.37 -26.40 -19.06
N GLN B 147 -13.71 -26.33 -18.93
CA GLN B 147 -14.55 -25.91 -20.05
C GLN B 147 -14.57 -24.38 -20.12
N LEU B 148 -14.37 -23.85 -21.32
CA LEU B 148 -14.33 -22.41 -21.55
C LEU B 148 -15.65 -21.92 -22.13
N PRO B 149 -16.30 -20.94 -21.48
CA PRO B 149 -17.58 -20.52 -22.03
C PRO B 149 -17.47 -19.89 -23.39
N ALA B 150 -18.55 -19.96 -24.18
CA ALA B 150 -18.61 -19.24 -25.44
C ALA B 150 -18.28 -17.75 -25.22
N GLY B 151 -17.50 -17.20 -26.12
CA GLY B 151 -17.03 -15.82 -25.97
C GLY B 151 -15.77 -15.55 -25.17
N THR B 152 -15.19 -16.60 -24.60
CA THR B 152 -13.88 -16.52 -23.96
C THR B 152 -12.84 -16.07 -24.96
N LYS B 153 -12.17 -14.97 -24.64
CA LYS B 153 -11.12 -14.38 -25.51
C LYS B 153 -9.70 -14.59 -24.93
N TYR B 154 -9.60 -14.63 -23.62
CA TYR B 154 -8.31 -14.86 -22.98
C TYR B 154 -8.54 -15.77 -21.81
N VAL B 155 -7.51 -16.58 -21.54
CA VAL B 155 -7.44 -17.40 -20.33
C VAL B 155 -6.20 -16.95 -19.56
N ALA B 156 -6.39 -16.81 -18.25
CA ALA B 156 -5.28 -16.44 -17.35
C ALA B 156 -5.10 -17.48 -16.23
N PHE B 157 -3.82 -17.76 -15.94
CA PHE B 157 -3.39 -18.56 -14.78
C PHE B 157 -2.84 -17.61 -13.76
N ARG B 158 -3.37 -17.69 -12.54
CA ARG B 158 -3.06 -16.71 -11.50
C ARG B 158 -2.55 -17.42 -10.29
N HIS B 159 -1.34 -17.06 -9.82
CA HIS B 159 -0.75 -17.60 -8.56
C HIS B 159 -0.91 -16.46 -7.54
N PHE B 160 -1.67 -16.68 -6.45
CA PHE B 160 -2.03 -15.59 -5.56
C PHE B 160 -2.50 -16.18 -4.26
N GLY B 161 -2.72 -15.32 -3.29
CA GLY B 161 -3.35 -15.76 -2.06
C GLY B 161 -2.58 -16.85 -1.33
N CYS B 162 -1.26 -16.70 -1.25
CA CYS B 162 -0.40 -17.64 -0.57
C CYS B 162 1.00 -17.08 -0.38
N THR B 163 1.76 -17.66 0.55
CA THR B 163 3.13 -17.28 0.79
C THR B 163 3.88 -18.46 1.43
N ASP B 164 5.18 -18.54 1.18
CA ASP B 164 6.11 -19.36 1.97
C ASP B 164 6.03 -20.86 1.71
N PHE B 165 5.88 -21.26 0.45
CA PHE B 165 5.99 -22.68 0.07
C PHE B 165 7.21 -22.82 -0.84
N PHE B 166 7.08 -22.89 -2.15
CA PHE B 166 8.26 -22.86 -3.02
C PHE B 166 7.83 -22.35 -4.39
N TRP B 167 7.56 -23.20 -5.36
CA TRP B 167 7.11 -22.74 -6.66
C TRP B 167 5.97 -23.62 -7.17
N ILE B 168 5.07 -23.00 -7.95
CA ILE B 168 4.07 -23.76 -8.75
C ILE B 168 4.57 -23.79 -10.20
N ASN B 169 4.43 -24.96 -10.83
CA ASN B 169 4.84 -25.17 -12.21
C ASN B 169 3.62 -25.47 -13.07
N LEU B 170 3.65 -25.01 -14.33
CA LEU B 170 2.61 -25.30 -15.32
CA LEU B 170 2.62 -25.24 -15.32
C LEU B 170 3.29 -25.72 -16.58
N ASP B 171 2.64 -26.61 -17.33
CA ASP B 171 3.18 -27.09 -18.59
C ASP B 171 2.07 -27.62 -19.49
N ASP B 172 2.35 -27.74 -20.80
CA ASP B 172 1.48 -28.45 -21.75
C ASP B 172 0.06 -27.93 -21.75
N VAL B 173 -0.04 -26.64 -22.04
CA VAL B 173 -1.33 -25.97 -22.11
C VAL B 173 -1.90 -26.17 -23.50
N VAL B 174 -3.08 -26.76 -23.59
CA VAL B 174 -3.75 -26.96 -24.90
C VAL B 174 -5.21 -26.52 -24.83
N ILE B 175 -5.70 -25.75 -25.83
CA ILE B 175 -7.10 -25.34 -25.90
C ILE B 175 -7.64 -25.82 -27.24
N THR B 176 -8.80 -26.45 -27.19
CA THR B 176 -9.55 -26.83 -28.40
C THR B 176 -10.86 -26.04 -28.47
N SER B 177 -11.36 -25.80 -29.68
CA SER B 177 -12.65 -25.14 -29.87
C SER B 177 -13.77 -26.15 -30.03
N GLY C 1 -26.24 25.83 -15.65
CA GLY C 1 -25.12 26.77 -15.36
C GLY C 1 -23.79 26.00 -15.42
N SER C 2 -22.81 26.46 -14.66
CA SER C 2 -21.46 25.90 -14.75
C SER C 2 -21.03 25.30 -13.41
N ALA C 3 -20.10 24.36 -13.50
CA ALA C 3 -19.45 23.79 -12.31
C ALA C 3 -18.07 23.23 -12.67
N GLU C 4 -17.13 23.37 -11.74
CA GLU C 4 -15.85 22.63 -11.76
C GLU C 4 -16.11 21.22 -11.27
N VAL C 5 -16.11 20.25 -12.19
CA VAL C 5 -16.48 18.85 -11.95
C VAL C 5 -15.34 17.99 -11.35
N LEU C 6 -14.11 18.38 -11.66
CA LEU C 6 -12.95 17.67 -11.16
C LEU C 6 -11.81 18.65 -11.00
N ASN C 7 -11.08 18.54 -9.89
CA ASN C 7 -9.87 19.31 -9.71
C ASN C 7 -8.91 18.52 -8.85
N GLU C 8 -7.95 17.92 -9.53
CA GLU C 8 -7.02 17.01 -8.87
C GLU C 8 -5.56 17.48 -9.01
N ASP C 9 -4.93 17.76 -7.87
CA ASP C 9 -3.60 18.28 -7.77
C ASP C 9 -2.58 17.22 -7.30
N PHE C 10 -3.03 16.01 -7.03
CA PHE C 10 -2.22 14.88 -6.60
C PHE C 10 -1.45 15.06 -5.30
N GLU C 11 -1.82 16.08 -4.53
CA GLU C 11 -1.04 16.40 -3.33
C GLU C 11 -1.27 15.39 -2.19
N ASN C 12 -2.29 14.57 -2.34
CA ASN C 12 -2.53 13.44 -1.47
C ASN C 12 -2.35 12.10 -2.18
N GLY C 13 -1.53 12.10 -3.23
CA GLY C 13 -1.32 10.91 -4.06
C GLY C 13 -2.40 10.71 -5.13
N ILE C 14 -2.37 9.57 -5.77
CA ILE C 14 -3.46 9.17 -6.66
C ILE C 14 -4.66 8.90 -5.72
N PRO C 15 -5.76 9.63 -5.88
CA PRO C 15 -6.88 9.33 -4.97
C PRO C 15 -7.45 7.92 -5.16
N ALA C 16 -7.98 7.37 -4.06
CA ALA C 16 -8.60 6.05 -4.07
C ALA C 16 -9.68 5.93 -5.14
N SER C 17 -10.33 7.06 -5.46
CA SER C 17 -11.43 7.13 -6.42
C SER C 17 -11.00 6.99 -7.89
N TRP C 18 -9.72 7.21 -8.14
CA TRP C 18 -9.17 7.04 -9.50
C TRP C 18 -8.73 5.57 -9.69
N LYS C 19 -8.41 5.19 -10.91
CA LYS C 19 -8.09 3.81 -11.25
C LYS C 19 -6.80 3.80 -12.07
N THR C 20 -5.95 2.83 -11.83
CA THR C 20 -4.79 2.61 -12.73
C THR C 20 -4.92 1.26 -13.46
N ILE C 21 -4.47 1.20 -14.73
CA ILE C 21 -4.43 -0.04 -15.49
C ILE C 21 -2.99 -0.21 -15.95
N ASP C 22 -2.36 -1.28 -15.49
CA ASP C 22 -1.03 -1.65 -15.93
C ASP C 22 -1.27 -2.57 -17.15
N ALA C 23 -1.65 -1.99 -18.29
CA ALA C 23 -2.01 -2.79 -19.45
C ALA C 23 -0.88 -3.64 -20.01
N ASP C 24 0.37 -3.17 -19.90
CA ASP C 24 1.47 -4.00 -20.39
C ASP C 24 1.84 -5.13 -19.45
N GLY C 25 1.52 -4.96 -18.15
CA GLY C 25 1.71 -6.00 -17.14
C GLY C 25 3.00 -6.10 -16.37
N ASP C 26 3.92 -5.12 -16.51
CA ASP C 26 5.22 -5.19 -15.84
C ASP C 26 5.20 -4.85 -14.34
N GLY C 27 4.05 -4.42 -13.87
CA GLY C 27 3.89 -4.03 -12.46
C GLY C 27 4.18 -2.56 -12.18
N ASN C 28 4.63 -1.81 -13.18
CA ASN C 28 4.85 -0.36 -13.12
C ASN C 28 3.62 0.38 -13.65
N ASN C 29 3.13 1.33 -12.85
CA ASN C 29 1.96 2.15 -13.16
C ASN C 29 2.33 3.62 -13.17
N TRP C 30 1.35 4.45 -13.54
CA TRP C 30 1.39 5.84 -13.11
C TRP C 30 1.52 5.79 -11.58
N THR C 31 2.40 6.64 -11.05
CA THR C 31 2.71 6.67 -9.64
C THR C 31 3.19 8.03 -9.16
N THR C 32 2.90 8.34 -7.90
CA THR C 32 3.44 9.53 -7.24
C THR C 32 4.69 9.20 -6.38
N THR C 33 5.14 7.97 -6.47
CA THR C 33 6.38 7.50 -5.79
C THR C 33 7.30 6.79 -6.78
N PRO C 34 7.79 7.54 -7.79
CA PRO C 34 8.59 6.87 -8.81
C PRO C 34 9.85 6.20 -8.27
N PRO C 35 10.08 4.90 -8.58
CA PRO C 35 11.40 4.31 -8.17
C PRO C 35 12.56 4.88 -8.94
N PRO C 36 13.78 4.82 -8.36
CA PRO C 36 14.10 4.26 -7.06
C PRO C 36 14.08 5.23 -5.90
N GLY C 37 13.83 6.51 -6.20
CA GLY C 37 13.79 7.55 -5.16
C GLY C 37 12.62 7.36 -4.21
N GLY C 38 11.49 6.93 -4.76
CA GLY C 38 10.27 6.72 -3.95
C GLY C 38 9.49 7.95 -3.58
N SER C 39 9.93 9.13 -4.03
CA SER C 39 9.25 10.41 -3.76
C SER C 39 8.92 11.07 -5.07
N SER C 40 7.86 11.83 -5.10
CA SER C 40 7.48 12.52 -6.32
C SER C 40 8.57 13.39 -6.89
N PHE C 41 8.66 13.42 -8.22
CA PHE C 41 9.37 14.46 -8.88
C PHE C 41 8.68 15.80 -8.61
N ALA C 42 9.39 16.89 -8.87
CA ALA C 42 8.84 18.23 -8.63
C ALA C 42 7.55 18.41 -9.41
N GLY C 43 6.46 18.74 -8.74
CA GLY C 43 5.17 18.95 -9.36
C GLY C 43 5.07 20.30 -10.05
N HIS C 44 3.88 20.58 -10.60
CA HIS C 44 3.63 21.84 -11.30
C HIS C 44 3.33 22.86 -10.22
N ASN C 45 4.31 23.72 -9.95
CA ASN C 45 4.26 24.75 -8.91
C ASN C 45 3.68 24.16 -7.61
N SER C 46 4.12 22.95 -7.30
CA SER C 46 3.55 22.17 -6.20
C SER C 46 4.49 21.00 -5.93
N ALA C 47 4.32 20.32 -4.80
CA ALA C 47 5.20 19.23 -4.41
C ALA C 47 5.05 17.92 -5.17
N ILE C 48 3.83 17.56 -5.55
CA ILE C 48 3.55 16.23 -6.08
C ILE C 48 2.91 16.28 -7.45
N CYS C 49 3.41 15.40 -8.31
CA CYS C 49 2.77 15.09 -9.58
C CYS C 49 2.74 13.57 -9.74
N VAL C 50 1.99 13.10 -10.76
CA VAL C 50 1.87 11.70 -11.02
C VAL C 50 2.64 11.39 -12.30
N SER C 51 3.35 10.28 -12.31
CA SER C 51 4.39 10.04 -13.33
C SER C 51 4.39 8.58 -13.79
N SER C 52 4.80 8.38 -15.06
CA SER C 52 4.91 7.08 -15.64
C SER C 52 6.23 6.94 -16.42
N ALA C 53 6.85 5.78 -16.30
CA ALA C 53 8.22 5.57 -16.77
C ALA C 53 8.33 4.81 -18.07
N SER C 54 9.13 5.36 -19.00
CA SER C 54 9.70 4.55 -20.08
C SER C 54 11.16 4.09 -19.81
N TYR C 55 11.76 4.55 -18.71
CA TYR C 55 13.06 4.11 -18.24
C TYR C 55 13.14 4.38 -16.73
N ILE C 56 13.68 3.43 -15.98
CA ILE C 56 13.80 3.58 -14.54
C ILE C 56 15.28 3.46 -14.20
N ASN C 57 15.82 4.43 -13.47
CA ASN C 57 17.24 4.40 -13.09
C ASN C 57 17.51 3.13 -12.24
N PHE C 58 18.69 2.52 -12.48
CA PHE C 58 19.15 1.28 -11.81
C PHE C 58 18.36 0.04 -12.26
N GLU C 59 17.47 0.19 -13.23
CA GLU C 59 16.74 -0.92 -13.82
C GLU C 59 16.93 -0.97 -15.34
N GLY C 60 16.57 0.11 -16.02
CA GLY C 60 16.61 0.16 -17.46
C GLY C 60 15.30 0.50 -18.13
N PRO C 61 15.26 0.35 -19.46
CA PRO C 61 14.08 0.68 -20.21
C PRO C 61 12.85 -0.15 -19.87
N GLN C 62 11.70 0.49 -20.01
CA GLN C 62 10.41 -0.12 -19.80
C GLN C 62 9.58 0.00 -21.08
N ASN C 63 8.49 -0.77 -21.11
CA ASN C 63 7.54 -0.80 -22.21
C ASN C 63 6.14 -0.46 -21.70
N PRO C 64 5.92 0.79 -21.25
CA PRO C 64 4.64 1.13 -20.66
C PRO C 64 3.44 1.05 -21.59
N ASP C 65 2.34 0.59 -21.03
CA ASP C 65 1.02 0.85 -21.57
C ASP C 65 0.21 1.03 -20.30
N ASN C 66 0.34 2.22 -19.75
CA ASN C 66 -0.20 2.54 -18.42
C ASN C 66 -1.30 3.56 -18.55
N TYR C 67 -2.46 3.24 -17.94
CA TYR C 67 -3.61 4.13 -17.91
C TYR C 67 -3.80 4.68 -16.50
N LEU C 68 -4.17 5.94 -16.44
CA LEU C 68 -4.65 6.62 -15.23
C LEU C 68 -6.04 7.10 -15.57
N VAL C 69 -7.03 6.64 -14.81
CA VAL C 69 -8.44 6.88 -15.13
C VAL C 69 -9.11 7.65 -14.00
N THR C 70 -9.86 8.68 -14.38
CA THR C 70 -10.65 9.48 -13.43
C THR C 70 -11.74 8.64 -12.74
N PRO C 71 -12.26 9.18 -11.61
CA PRO C 71 -13.55 8.70 -11.15
C PRO C 71 -14.66 8.92 -12.18
N GLU C 72 -15.81 8.30 -11.94
CA GLU C 72 -16.96 8.49 -12.78
C GLU C 72 -17.37 9.96 -12.75
N LEU C 73 -17.62 10.52 -13.94
CA LEU C 73 -17.98 11.91 -14.18
C LEU C 73 -19.43 11.96 -14.65
N SER C 74 -20.06 13.11 -14.39
CA SER C 74 -21.39 13.48 -14.88
C SER C 74 -21.20 14.72 -15.76
N LEU C 75 -21.23 14.51 -17.08
CA LEU C 75 -21.05 15.56 -18.06
C LEU C 75 -22.20 15.51 -19.07
N PRO C 76 -23.44 15.79 -18.63
CA PRO C 76 -24.61 15.66 -19.49
C PRO C 76 -24.54 16.55 -20.72
N GLY C 77 -23.85 17.69 -20.63
CA GLY C 77 -23.64 18.59 -21.75
C GLY C 77 -22.20 18.72 -22.21
N GLY C 78 -21.37 17.73 -21.86
CA GLY C 78 -19.95 17.82 -22.20
C GLY C 78 -19.20 18.68 -21.20
N GLY C 79 -17.91 18.84 -21.44
CA GLY C 79 -17.06 19.64 -20.56
C GLY C 79 -15.72 19.90 -21.21
N THR C 80 -14.85 20.57 -20.46
CA THR C 80 -13.50 20.94 -20.92
C THR C 80 -12.50 20.41 -19.88
N LEU C 81 -11.56 19.63 -20.37
CA LEU C 81 -10.48 19.07 -19.59
C LEU C 81 -9.23 19.92 -19.80
N THR C 82 -8.54 20.31 -18.74
CA THR C 82 -7.22 20.91 -18.84
C THR C 82 -6.29 20.13 -17.91
N PHE C 83 -5.01 20.10 -18.27
CA PHE C 83 -4.02 19.45 -17.44
C PHE C 83 -2.65 19.94 -17.87
N TRP C 84 -1.66 19.71 -17.02
CA TRP C 84 -0.31 20.07 -17.29
C TRP C 84 0.55 18.82 -17.39
N VAL C 85 1.43 18.82 -18.39
CA VAL C 85 2.38 17.74 -18.59
C VAL C 85 3.80 18.24 -18.80
N CYS C 86 4.76 17.42 -18.40
CA CYS C 86 6.14 17.68 -18.74
C CYS C 86 6.95 16.42 -18.79
N ALA C 87 8.09 16.49 -19.48
CA ALA C 87 9.12 15.45 -19.40
C ALA C 87 9.98 15.63 -18.18
N GLN C 88 10.24 14.55 -17.46
CA GLN C 88 11.06 14.66 -16.27
C GLN C 88 12.53 14.99 -16.61
N ASP C 89 12.98 14.51 -17.77
CA ASP C 89 14.35 14.76 -18.21
C ASP C 89 14.27 15.39 -19.58
N ALA C 90 14.75 16.64 -19.67
CA ALA C 90 14.67 17.39 -20.93
C ALA C 90 15.54 16.78 -22.02
N ASN C 91 16.55 16.02 -21.60
CA ASN C 91 17.45 15.32 -22.54
C ASN C 91 16.93 13.97 -23.01
N TYR C 92 15.91 13.44 -22.32
CA TYR C 92 15.19 12.25 -22.77
C TYR C 92 13.69 12.53 -22.71
N ALA C 93 13.21 13.38 -23.61
CA ALA C 93 11.90 14.01 -23.42
C ALA C 93 10.76 13.34 -24.19
N SER C 94 11.05 12.42 -25.12
CA SER C 94 10.06 11.98 -26.12
C SER C 94 9.06 10.93 -25.67
N GLU C 95 8.42 11.21 -24.52
CA GLU C 95 7.35 10.40 -24.08
C GLU C 95 6.09 10.58 -24.91
N HIS C 96 5.42 9.47 -25.19
CA HIS C 96 4.22 9.41 -26.00
C HIS C 96 3.00 9.15 -25.11
N TYR C 97 1.96 9.94 -25.25
CA TYR C 97 0.75 9.73 -24.47
C TYR C 97 -0.50 10.10 -25.25
N ALA C 98 -1.64 9.69 -24.73
CA ALA C 98 -2.93 10.05 -25.28
C ALA C 98 -3.95 10.17 -24.19
N VAL C 99 -5.04 10.87 -24.49
CA VAL C 99 -6.16 11.14 -23.61
C VAL C 99 -7.41 10.64 -24.31
N TYR C 100 -8.24 9.88 -23.58
CA TYR C 100 -9.43 9.22 -24.12
C TYR C 100 -10.62 9.50 -23.24
N ALA C 101 -11.81 9.46 -23.85
CA ALA C 101 -13.07 9.50 -23.11
C ALA C 101 -13.82 8.21 -23.34
N SER C 102 -14.48 7.71 -22.32
CA SER C 102 -15.42 6.60 -22.40
C SER C 102 -16.79 7.07 -21.94
N SER C 103 -17.86 6.63 -22.62
CA SER C 103 -19.23 6.87 -22.18
C SER C 103 -19.84 5.69 -21.45
N THR C 104 -19.08 4.63 -21.26
CA THR C 104 -19.61 3.41 -20.63
C THR C 104 -18.69 2.98 -19.49
N GLY C 105 -17.71 2.12 -19.77
CA GLY C 105 -16.86 1.56 -18.74
C GLY C 105 -15.50 2.21 -18.57
N ASN C 106 -14.74 1.68 -17.63
CA ASN C 106 -13.39 2.21 -17.36
C ASN C 106 -12.31 1.17 -17.58
N ASP C 107 -12.56 0.21 -18.47
CA ASP C 107 -11.55 -0.76 -18.87
C ASP C 107 -10.83 -0.28 -20.11
N ALA C 108 -9.67 -0.85 -20.39
CA ALA C 108 -8.84 -0.39 -21.51
C ALA C 108 -9.61 -0.37 -22.85
N SER C 109 -10.46 -1.37 -23.09
CA SER C 109 -11.17 -1.44 -24.37
C SER C 109 -12.25 -0.37 -24.49
N ASN C 110 -12.65 0.24 -23.37
CA ASN C 110 -13.59 1.38 -23.43
C ASN C 110 -12.94 2.68 -23.90
N PHE C 111 -11.62 2.73 -23.90
CA PHE C 111 -10.85 3.89 -24.33
C PHE C 111 -10.25 3.64 -25.72
N ALA C 112 -10.98 4.16 -26.70
CA ALA C 112 -10.63 4.08 -28.11
C ALA C 112 -10.76 5.50 -28.66
N ASN C 113 -10.15 5.78 -29.80
CA ASN C 113 -10.32 7.07 -30.45
CA ASN C 113 -10.28 7.07 -30.46
C ASN C 113 -9.87 8.23 -29.56
N ALA C 114 -8.57 8.34 -29.43
CA ALA C 114 -7.91 9.38 -28.66
C ALA C 114 -8.41 10.75 -29.03
N LEU C 115 -8.71 11.55 -28.00
CA LEU C 115 -9.07 12.95 -28.15
C LEU C 115 -7.85 13.84 -28.35
N LEU C 116 -6.71 13.37 -27.90
CA LEU C 116 -5.43 14.04 -27.98
C LEU C 116 -4.38 12.96 -27.91
N GLU C 117 -3.41 13.06 -28.82
CA GLU C 117 -2.26 12.15 -28.84
C GLU C 117 -1.04 12.96 -29.21
N GLU C 118 -0.01 12.93 -28.39
CA GLU C 118 1.23 13.61 -28.76
C GLU C 118 2.49 12.98 -28.18
N VAL C 119 3.62 13.42 -28.73
CA VAL C 119 4.94 13.10 -28.25
C VAL C 119 5.51 14.39 -27.68
N LEU C 120 5.90 14.37 -26.42
CA LEU C 120 6.57 15.50 -25.82
C LEU C 120 7.88 15.82 -26.53
N THR C 121 8.31 17.07 -26.42
CA THR C 121 9.55 17.54 -27.01
C THR C 121 10.36 18.35 -26.02
N GLU C 130 23.21 8.56 -21.38
CA GLU C 130 23.67 8.21 -20.03
C GLU C 130 22.74 7.17 -19.40
N ALA C 131 23.33 6.24 -18.66
CA ALA C 131 22.56 5.20 -17.98
C ALA C 131 21.83 5.70 -16.71
N ILE C 132 22.30 6.78 -16.09
CA ILE C 132 21.58 7.42 -14.98
C ILE C 132 21.02 8.69 -15.57
N ARG C 133 19.69 8.77 -15.59
CA ARG C 133 18.98 9.86 -16.22
C ARG C 133 18.38 10.76 -15.16
N GLY C 134 17.74 11.85 -15.60
CA GLY C 134 17.19 12.82 -14.68
C GLY C 134 18.19 13.64 -13.90
N THR C 135 19.38 13.80 -14.47
CA THR C 135 20.51 14.50 -13.84
C THR C 135 20.45 16.00 -14.06
N ARG C 136 19.82 16.45 -15.15
CA ARG C 136 19.71 17.88 -15.44
C ARG C 136 18.30 18.39 -15.14
N ALA C 137 17.80 19.31 -15.96
CA ALA C 137 16.53 19.96 -15.67
C ALA C 137 15.36 19.14 -16.18
N GLN C 138 14.22 19.33 -15.49
CA GLN C 138 12.91 18.93 -16.01
C GLN C 138 12.61 19.66 -17.30
N GLY C 139 11.77 19.06 -18.12
CA GLY C 139 11.17 19.79 -19.24
C GLY C 139 10.25 20.86 -18.68
N THR C 140 9.92 21.83 -19.52
CA THR C 140 8.89 22.82 -19.20
C THR C 140 7.51 22.17 -19.15
N TRP C 141 6.69 22.64 -18.21
CA TRP C 141 5.31 22.22 -18.05
C TRP C 141 4.46 22.91 -19.10
N TYR C 142 3.62 22.13 -19.79
CA TYR C 142 2.72 22.67 -20.80
C TYR C 142 1.31 22.29 -20.47
N GLN C 143 0.40 23.25 -20.64
CA GLN C 143 -1.01 23.00 -20.43
C GLN C 143 -1.68 22.57 -21.73
N LYS C 144 -2.51 21.56 -21.60
CA LYS C 144 -3.33 21.04 -22.69
C LYS C 144 -4.78 21.25 -22.38
N THR C 145 -5.58 21.52 -23.42
CA THR C 145 -7.04 21.68 -23.31
C THR C 145 -7.68 20.68 -24.27
N VAL C 146 -8.63 19.90 -23.77
CA VAL C 146 -9.33 18.90 -24.54
C VAL C 146 -10.84 19.03 -24.28
N GLN C 147 -11.64 19.01 -25.34
CA GLN C 147 -13.09 19.04 -25.19
C GLN C 147 -13.63 17.63 -25.02
N LEU C 148 -14.48 17.45 -24.02
CA LEU C 148 -15.08 16.16 -23.66
C LEU C 148 -16.53 16.12 -24.14
N PRO C 149 -16.88 15.09 -24.91
CA PRO C 149 -18.27 15.03 -25.38
C PRO C 149 -19.29 14.81 -24.29
N ALA C 150 -20.54 15.22 -24.53
CA ALA C 150 -21.61 14.84 -23.63
C ALA C 150 -21.67 13.35 -23.42
N GLY C 151 -21.94 12.97 -22.18
CA GLY C 151 -22.05 11.59 -21.82
C GLY C 151 -20.73 10.92 -21.47
N THR C 152 -19.63 11.70 -21.50
CA THR C 152 -18.34 11.18 -21.06
C THR C 152 -18.46 10.80 -19.59
N LYS C 153 -18.13 9.57 -19.24
CA LYS C 153 -18.18 9.08 -17.87
C LYS C 153 -16.79 8.93 -17.25
N TYR C 154 -15.80 8.61 -18.07
CA TYR C 154 -14.43 8.46 -17.61
C TYR C 154 -13.47 9.08 -18.60
N VAL C 155 -12.40 9.65 -18.07
CA VAL C 155 -11.28 10.15 -18.85
C VAL C 155 -10.06 9.32 -18.47
N ALA C 156 -9.31 8.87 -19.48
CA ALA C 156 -8.05 8.15 -19.24
C ALA C 156 -6.87 8.85 -19.86
N PHE C 157 -5.78 8.87 -19.10
CA PHE C 157 -4.48 9.29 -19.58
C PHE C 157 -3.63 8.06 -19.80
N ARG C 158 -3.07 7.90 -21.00
CA ARG C 158 -2.36 6.66 -21.36
C ARG C 158 -0.95 6.96 -21.81
N HIS C 159 0.04 6.37 -21.14
CA HIS C 159 1.47 6.44 -21.51
C HIS C 159 1.77 5.12 -22.21
N PHE C 160 2.07 5.17 -23.51
CA PHE C 160 2.22 3.94 -24.28
C PHE C 160 3.03 4.21 -25.52
N GLY C 161 3.37 3.14 -26.22
CA GLY C 161 4.00 3.29 -27.54
C GLY C 161 5.29 4.07 -27.48
N CYS C 162 6.06 3.85 -26.42
CA CYS C 162 7.39 4.45 -26.29
C CYS C 162 8.24 3.66 -25.30
N THR C 163 9.57 3.75 -25.45
CA THR C 163 10.51 3.07 -24.58
C THR C 163 11.80 3.88 -24.55
N ASP C 164 12.46 3.83 -23.39
CA ASP C 164 13.87 4.23 -23.28
C ASP C 164 14.06 5.75 -23.33
N PHE C 165 13.19 6.53 -22.68
CA PHE C 165 13.42 7.95 -22.45
C PHE C 165 13.58 8.15 -20.94
N PHE C 166 12.59 8.68 -20.24
CA PHE C 166 12.72 8.65 -18.79
C PHE C 166 11.32 8.59 -18.15
N TRP C 167 10.75 9.69 -17.68
CA TRP C 167 9.38 9.71 -17.18
C TRP C 167 8.57 10.85 -17.78
N ILE C 168 7.25 10.65 -17.87
CA ILE C 168 6.28 11.67 -18.18
C ILE C 168 5.57 12.02 -16.86
N ASN C 169 5.33 13.32 -16.65
CA ASN C 169 4.69 13.84 -15.45
C ASN C 169 3.39 14.54 -15.83
N LEU C 170 2.40 14.41 -14.95
CA LEU C 170 1.04 14.96 -15.13
C LEU C 170 0.66 15.63 -13.84
N ASP C 171 -0.02 16.76 -13.93
CA ASP C 171 -0.46 17.47 -12.70
C ASP C 171 -1.65 18.35 -13.03
N ASP C 172 -2.35 18.77 -12.00
CA ASP C 172 -3.39 19.81 -12.10
C ASP C 172 -4.45 19.49 -13.16
N VAL C 173 -5.13 18.38 -12.96
CA VAL C 173 -6.19 17.92 -13.84
C VAL C 173 -7.50 18.59 -13.44
N VAL C 174 -8.05 19.38 -14.35
CA VAL C 174 -9.26 20.13 -14.07
C VAL C 174 -10.31 19.85 -15.13
N ILE C 175 -11.54 19.59 -14.72
CA ILE C 175 -12.66 19.46 -15.65
C ILE C 175 -13.77 20.41 -15.25
N THR C 176 -14.25 21.20 -16.20
CA THR C 176 -15.40 22.10 -16.04
C THR C 176 -16.52 21.71 -16.99
N SER C 177 -17.75 21.99 -16.56
CA SER C 177 -18.93 21.56 -17.30
C SER C 177 -19.25 22.48 -18.47
N GLY C 178 -19.80 21.89 -19.54
CA GLY C 178 -20.18 22.57 -20.78
C GLY C 178 -19.04 22.69 -21.78
N ALA D 3 28.00 26.36 10.59
CA ALA D 3 27.35 26.15 9.27
C ALA D 3 25.98 25.48 9.36
N GLU D 4 25.20 25.73 8.34
CA GLU D 4 23.81 25.31 8.30
C GLU D 4 23.76 23.87 7.83
N VAL D 5 23.35 22.97 8.72
CA VAL D 5 23.22 21.55 8.43
C VAL D 5 21.79 21.08 8.11
N LEU D 6 20.79 21.92 8.38
CA LEU D 6 19.41 21.58 8.03
CA LEU D 6 19.38 21.57 8.07
C LEU D 6 18.62 22.87 7.87
N ASN D 7 17.82 22.93 6.82
CA ASN D 7 16.99 24.06 6.50
C ASN D 7 15.76 23.52 5.81
N GLU D 8 14.66 23.42 6.55
CA GLU D 8 13.46 22.84 6.04
C GLU D 8 12.27 23.80 6.09
N ASP D 9 11.80 24.16 4.90
CA ASP D 9 10.63 25.04 4.73
C ASP D 9 9.34 24.29 4.43
N PHE D 10 9.39 22.96 4.34
CA PHE D 10 8.25 22.09 4.02
C PHE D 10 7.52 22.34 2.71
N GLU D 11 8.12 23.15 1.84
CA GLU D 11 7.43 23.51 0.61
C GLU D 11 7.27 22.30 -0.30
N ASN D 12 8.13 21.30 -0.15
CA ASN D 12 7.98 20.02 -0.83
C ASN D 12 7.47 18.87 0.03
N GLY D 13 6.73 19.21 1.09
CA GLY D 13 6.24 18.23 2.05
C GLY D 13 7.28 17.85 3.09
N ILE D 14 6.94 16.83 3.88
CA ILE D 14 7.88 16.27 4.83
C ILE D 14 8.81 15.39 3.98
N PRO D 15 10.11 15.70 3.93
CA PRO D 15 11.01 14.86 3.13
C PRO D 15 11.05 13.44 3.66
N ALA D 16 11.23 12.46 2.80
CA ALA D 16 11.26 11.08 3.24
C ALA D 16 12.46 10.71 4.09
N SER D 17 13.44 11.60 4.16
CA SER D 17 14.63 11.46 5.01
C SER D 17 14.28 11.78 6.48
N TRP D 18 13.15 12.45 6.68
CA TRP D 18 12.67 12.70 8.03
C TRP D 18 11.83 11.50 8.46
N LYS D 19 11.48 11.40 9.75
CA LYS D 19 10.66 10.32 10.26
C LYS D 19 9.47 10.85 11.03
N THR D 20 8.33 10.22 10.87
CA THR D 20 7.16 10.50 11.70
C THR D 20 6.88 9.33 12.61
N ILE D 21 6.52 9.60 13.86
CA ILE D 21 6.10 8.53 14.79
C ILE D 21 4.69 8.86 15.24
N ASP D 22 3.74 8.01 14.88
CA ASP D 22 2.36 8.10 15.34
C ASP D 22 2.30 7.26 16.61
N ALA D 23 2.85 7.81 17.70
CA ALA D 23 3.01 7.04 18.91
C ALA D 23 1.69 6.66 19.55
N ASP D 24 0.67 7.48 19.43
CA ASP D 24 -0.64 7.11 19.96
C ASP D 24 -1.35 6.04 19.12
N GLY D 25 -1.05 5.99 17.83
CA GLY D 25 -1.50 4.92 16.94
C GLY D 25 -2.76 5.15 16.15
N ASP D 26 -3.33 6.36 16.22
CA ASP D 26 -4.60 6.63 15.54
C ASP D 26 -4.56 6.76 14.02
N GLY D 27 -3.37 6.77 13.46
CA GLY D 27 -3.21 6.99 12.03
C GLY D 27 -3.03 8.43 11.60
N ASN D 28 -3.17 9.35 12.55
CA ASN D 28 -2.93 10.79 12.33
C ASN D 28 -1.51 11.14 12.79
N ASN D 29 -0.75 11.76 11.89
CA ASN D 29 0.62 12.19 12.10
C ASN D 29 0.76 13.70 11.93
N TRP D 30 1.96 14.20 12.17
CA TRP D 30 2.36 15.46 11.53
C TRP D 30 2.22 15.30 10.01
N THR D 31 1.67 16.36 9.40
CA THR D 31 1.32 16.31 7.97
C THR D 31 1.28 17.68 7.35
N THR D 32 1.60 17.75 6.06
CA THR D 32 1.37 18.97 5.28
C THR D 32 0.06 18.95 4.48
N THR D 33 -0.76 17.93 4.70
CA THR D 33 -2.06 17.76 4.04
C THR D 33 -3.15 17.47 5.07
N PRO D 34 -3.39 18.44 6.00
CA PRO D 34 -4.35 18.19 7.08
C PRO D 34 -5.76 17.88 6.60
N PRO D 35 -6.33 16.75 7.01
CA PRO D 35 -7.75 16.51 6.69
C PRO D 35 -8.67 17.51 7.40
N PRO D 36 -9.85 17.71 6.86
CA PRO D 36 -10.42 17.06 5.68
C PRO D 36 -10.09 17.76 4.38
N GLY D 37 -9.54 18.98 4.43
CA GLY D 37 -9.25 19.69 3.18
C GLY D 37 -8.13 19.06 2.40
N GLY D 38 -7.17 18.50 3.12
CA GLY D 38 -6.02 17.83 2.46
C GLY D 38 -4.99 18.77 1.88
N SER D 39 -5.05 20.06 2.19
CA SER D 39 -4.12 21.10 1.71
C SER D 39 -3.56 21.80 2.94
N SER D 40 -2.28 22.16 2.85
CA SER D 40 -1.62 22.81 3.95
C SER D 40 -2.33 24.07 4.39
N PHE D 41 -2.34 24.29 5.70
CA PHE D 41 -2.68 25.60 6.23
C PHE D 41 -1.64 26.62 5.77
N ALA D 42 -1.97 27.90 5.83
CA ALA D 42 -1.05 28.95 5.44
C ALA D 42 0.26 28.87 6.24
N GLY D 43 1.37 28.76 5.53
CA GLY D 43 2.68 28.68 6.14
C GLY D 43 3.18 30.00 6.66
N HIS D 44 4.37 29.95 7.22
CA HIS D 44 5.03 31.15 7.71
C HIS D 44 5.64 31.89 6.53
N ASN D 45 5.06 33.04 6.19
CA ASN D 45 5.45 33.75 4.99
C ASN D 45 5.70 32.82 3.81
N SER D 46 4.82 31.85 3.59
CA SER D 46 5.03 30.78 2.62
C SER D 46 3.75 29.96 2.50
N ALA D 47 3.67 29.16 1.46
CA ALA D 47 2.48 28.35 1.19
C ALA D 47 2.27 27.23 2.22
N ILE D 48 3.34 26.48 2.53
CA ILE D 48 3.20 25.18 3.19
C ILE D 48 3.84 25.16 4.57
N CYS D 49 3.14 24.57 5.54
CA CYS D 49 3.75 24.23 6.83
C CYS D 49 3.32 22.82 7.21
N VAL D 50 3.91 22.29 8.28
CA VAL D 50 3.60 20.93 8.74
C VAL D 50 2.80 21.07 10.04
N SER D 51 1.80 20.22 10.18
CA SER D 51 0.80 20.40 11.23
C SER D 51 0.37 19.08 11.88
N SER D 52 -0.06 19.20 13.15
CA SER D 52 -0.54 18.06 13.89
C SER D 52 -1.81 18.43 14.65
N ALA D 53 -2.79 17.51 14.68
CA ALA D 53 -4.15 17.81 15.15
C ALA D 53 -4.42 17.33 16.57
N SER D 54 -5.04 18.23 17.33
CA SER D 54 -5.76 17.81 18.53
C SER D 54 -7.29 17.75 18.28
N TYR D 55 -7.73 18.18 17.12
CA TYR D 55 -9.15 18.13 16.71
C TYR D 55 -9.15 18.23 15.19
N ILE D 56 -9.97 17.41 14.54
CA ILE D 56 -10.09 17.37 13.09
C ILE D 56 -11.54 17.68 12.74
N ASN D 57 -11.77 18.69 11.92
CA ASN D 57 -13.13 19.02 11.48
C ASN D 57 -13.83 17.83 10.82
N PHE D 58 -15.12 17.68 11.14
CA PHE D 58 -15.99 16.59 10.67
C PHE D 58 -15.63 15.25 11.31
N GLU D 59 -14.70 15.23 12.26
CA GLU D 59 -14.32 14.00 12.93
CA GLU D 59 -14.37 14.01 12.95
C GLU D 59 -14.44 14.22 14.43
N GLY D 60 -13.70 15.19 14.96
CA GLY D 60 -13.76 15.46 16.39
C GLY D 60 -12.42 15.47 17.07
N PRO D 61 -12.42 15.49 18.40
CA PRO D 61 -11.15 15.54 19.12
C PRO D 61 -10.25 14.35 18.87
N GLN D 62 -8.96 14.60 18.92
CA GLN D 62 -7.91 13.58 18.82
C GLN D 62 -7.05 13.62 20.08
N ASN D 63 -6.32 12.52 20.29
CA ASN D 63 -5.39 12.35 21.38
C ASN D 63 -3.96 12.16 20.87
N PRO D 64 -3.41 13.23 20.29
CA PRO D 64 -2.11 13.03 19.66
C PRO D 64 -0.96 12.70 20.60
N ASP D 65 -0.06 11.86 20.11
CA ASP D 65 1.31 11.76 20.60
C ASP D 65 2.12 11.51 19.35
N ASN D 66 2.34 12.61 18.65
CA ASN D 66 2.88 12.57 17.29
C ASN D 66 4.27 13.19 17.29
N TYR D 67 5.25 12.46 16.75
CA TYR D 67 6.60 12.96 16.62
C TYR D 67 6.98 13.23 15.17
N LEU D 68 7.71 14.31 14.99
CA LEU D 68 8.35 14.65 13.71
C LEU D 68 9.84 14.72 13.99
N VAL D 69 10.62 13.87 13.30
CA VAL D 69 12.03 13.67 13.62
C VAL D 69 12.90 14.01 12.46
N THR D 70 13.95 14.79 12.70
CA THR D 70 14.88 15.16 11.67
C THR D 70 15.63 13.91 11.16
N PRO D 71 16.25 14.00 9.97
CA PRO D 71 17.29 13.02 9.70
C PRO D 71 18.44 13.11 10.67
N GLU D 72 19.28 12.09 10.64
CA GLU D 72 20.51 12.08 11.41
C GLU D 72 21.38 13.30 11.14
N LEU D 73 21.80 13.95 12.22
CA LEU D 73 22.64 15.14 12.23
C LEU D 73 24.09 14.86 12.71
N SER D 74 25.03 15.69 12.25
CA SER D 74 26.41 15.68 12.72
C SER D 74 26.68 17.00 13.43
N LEU D 75 26.61 16.94 14.78
CA LEU D 75 26.76 18.10 15.66
C LEU D 75 27.82 17.83 16.72
N PRO D 76 29.06 17.62 16.31
CA PRO D 76 30.09 17.20 17.27
C PRO D 76 30.33 18.23 18.36
N GLY D 77 30.12 19.51 18.03
CA GLY D 77 30.31 20.63 18.95
C GLY D 77 29.01 21.27 19.40
N GLY D 78 27.92 20.57 19.13
CA GLY D 78 26.60 21.13 19.33
C GLY D 78 26.13 22.05 18.23
N GLY D 79 24.98 22.64 18.47
CA GLY D 79 24.42 23.56 17.51
C GLY D 79 23.23 24.34 18.04
N THR D 80 22.58 25.03 17.12
CA THR D 80 21.40 25.84 17.43
C THR D 80 20.26 25.53 16.48
N LEU D 81 19.09 25.29 17.06
CA LEU D 81 17.83 25.09 16.36
C LEU D 81 16.99 26.35 16.43
N THR D 82 16.52 26.80 15.28
CA THR D 82 15.42 27.78 15.25
C THR D 82 14.24 27.25 14.44
N PHE D 83 13.03 27.65 14.86
CA PHE D 83 11.83 27.26 14.14
C PHE D 83 10.72 28.20 14.47
N TRP D 84 9.65 28.11 13.69
CA TRP D 84 8.48 28.94 13.88
C TRP D 84 7.25 28.05 14.16
N VAL D 85 6.42 28.47 15.11
CA VAL D 85 5.25 27.72 15.54
C VAL D 85 4.06 28.66 15.66
N CYS D 86 2.88 28.14 15.36
CA CYS D 86 1.63 28.86 15.66
C CYS D 86 0.49 27.87 15.89
N ALA D 87 -0.53 28.36 16.58
CA ALA D 87 -1.81 27.68 16.59
C ALA D 87 -2.58 27.96 15.31
N GLN D 88 -3.16 26.93 14.67
CA GLN D 88 -3.95 27.14 13.47
C GLN D 88 -5.24 27.92 13.73
N ASP D 89 -5.89 27.67 14.87
CA ASP D 89 -7.05 28.45 15.29
C ASP D 89 -6.64 29.29 16.50
N ALA D 90 -6.62 30.61 16.32
CA ALA D 90 -6.27 31.55 17.37
C ALA D 90 -7.10 31.42 18.64
N ASN D 91 -8.33 30.92 18.49
CA ASN D 91 -9.28 30.78 19.60
C ASN D 91 -9.35 29.41 20.24
N TYR D 92 -8.89 28.39 19.53
CA TYR D 92 -8.75 27.07 20.11
C TYR D 92 -7.28 26.71 19.97
N ALA D 93 -6.48 27.32 20.84
CA ALA D 93 -5.06 27.45 20.62
C ALA D 93 -4.15 26.68 21.55
N SER D 94 -4.67 26.01 22.60
CA SER D 94 -3.86 25.43 23.63
C SER D 94 -3.22 24.12 23.28
N GLU D 95 -2.52 24.09 22.14
CA GLU D 95 -1.70 22.95 21.79
C GLU D 95 -0.46 22.87 22.65
N HIS D 96 -0.10 21.65 23.00
CA HIS D 96 1.04 21.35 23.85
C HIS D 96 2.10 20.62 23.04
N TYR D 97 3.33 21.12 23.08
CA TYR D 97 4.41 20.46 22.39
C TYR D 97 5.74 20.54 23.10
N ALA D 98 6.65 19.66 22.70
CA ALA D 98 8.02 19.69 23.16
C ALA D 98 9.03 19.41 22.05
N VAL D 99 10.26 19.79 22.31
CA VAL D 99 11.37 19.55 21.41
C VAL D 99 12.42 18.76 22.20
N TYR D 100 12.90 17.67 21.62
CA TYR D 100 13.88 16.76 22.25
C TYR D 100 15.09 16.55 21.38
N ALA D 101 16.22 16.25 22.01
CA ALA D 101 17.42 15.78 21.32
C ALA D 101 17.72 14.36 21.76
N SER D 102 18.12 13.53 20.82
CA SER D 102 18.66 12.19 21.07
C SER D 102 20.10 12.14 20.59
N SER D 103 20.94 11.44 21.33
CA SER D 103 22.34 11.21 20.97
C SER D 103 22.54 9.79 20.44
N THR D 104 21.46 9.02 20.38
CA THR D 104 21.56 7.61 19.99
C THR D 104 20.61 7.36 18.83
N GLY D 105 19.42 6.86 19.11
CA GLY D 105 18.46 6.50 18.06
C GLY D 105 17.33 7.49 17.82
N ASN D 106 16.39 7.10 16.96
CA ASN D 106 15.26 7.96 16.61
C ASN D 106 13.91 7.32 16.89
N ASP D 107 13.88 6.48 17.93
CA ASP D 107 12.64 5.89 18.41
C ASP D 107 12.08 6.77 19.54
N ALA D 108 10.79 6.65 19.81
CA ALA D 108 10.13 7.47 20.84
C ALA D 108 10.93 7.45 22.18
N SER D 109 11.40 6.29 22.58
CA SER D 109 12.12 6.15 23.86
C SER D 109 13.45 6.91 23.91
N ASN D 110 14.01 7.23 22.75
CA ASN D 110 15.28 7.94 22.68
C ASN D 110 15.10 9.43 22.95
N PHE D 111 13.86 9.91 22.98
CA PHE D 111 13.56 11.31 23.21
C PHE D 111 13.00 11.52 24.61
N ALA D 112 13.84 12.06 25.49
CA ALA D 112 13.49 12.30 26.88
C ALA D 112 14.13 13.62 27.31
N ASN D 113 13.62 14.22 28.38
CA ASN D 113 14.24 15.42 28.93
C ASN D 113 14.16 16.54 27.90
N ALA D 114 12.94 16.99 27.69
CA ALA D 114 12.64 18.08 26.75
C ALA D 114 13.57 19.25 26.88
N LEU D 115 14.06 19.76 25.74
CA LEU D 115 14.85 20.99 25.69
C LEU D 115 13.94 22.23 25.79
N LEU D 116 12.70 22.07 25.35
CA LEU D 116 11.71 23.13 25.30
C LEU D 116 10.38 22.41 25.36
N GLU D 117 9.46 22.94 26.17
CA GLU D 117 8.13 22.39 26.29
C GLU D 117 7.17 23.53 26.57
N GLU D 118 6.16 23.69 25.75
CA GLU D 118 5.30 24.85 25.79
C GLU D 118 3.85 24.47 25.58
N VAL D 119 2.95 25.30 26.10
CA VAL D 119 1.55 25.27 25.71
C VAL D 119 1.26 26.62 25.08
N LEU D 120 0.66 26.62 23.90
CA LEU D 120 0.37 27.86 23.22
C LEU D 120 -0.77 28.58 23.97
N THR D 121 -0.68 29.90 24.05
CA THR D 121 -1.70 30.68 24.74
C THR D 121 -2.63 31.29 23.73
N ALA D 122 -3.85 31.53 24.17
CA ALA D 122 -4.80 32.36 23.47
C ALA D 122 -5.10 33.55 24.39
N LYS D 123 -4.98 34.77 23.86
CA LYS D 123 -5.59 35.92 24.51
C LYS D 123 -6.86 36.32 23.73
N THR D 124 -7.50 35.34 23.07
CA THR D 124 -8.87 35.49 22.56
C THR D 124 -9.69 34.20 22.70
N VAL D 125 -11.01 34.37 22.73
CA VAL D 125 -11.93 33.27 22.93
C VAL D 125 -13.13 33.48 22.01
N VAL D 126 -13.69 32.38 21.51
CA VAL D 126 -14.94 32.42 20.73
C VAL D 126 -16.06 32.73 21.72
N THR D 127 -17.12 33.36 21.20
CA THR D 127 -18.26 33.67 22.07
C THR D 127 -19.33 32.59 22.04
N ALA D 128 -19.13 31.55 21.21
CA ALA D 128 -20.07 30.42 21.11
C ALA D 128 -19.24 29.22 20.67
N PRO D 129 -19.56 28.01 21.18
CA PRO D 129 -18.74 26.87 20.74
C PRO D 129 -18.84 26.61 19.24
N GLU D 130 -17.72 26.27 18.60
CA GLU D 130 -17.74 25.93 17.19
C GLU D 130 -17.29 24.48 16.97
N ALA D 131 -18.18 23.65 16.41
CA ALA D 131 -17.83 22.27 16.02
C ALA D 131 -16.92 22.28 14.81
N ILE D 132 -17.12 23.25 13.92
CA ILE D 132 -16.21 23.48 12.80
C ILE D 132 -15.26 24.59 13.22
N ARG D 133 -13.98 24.27 13.31
CA ARG D 133 -12.95 25.19 13.79
C ARG D 133 -12.06 25.70 12.65
N GLY D 134 -11.13 26.61 12.93
CA GLY D 134 -10.28 27.15 11.88
C GLY D 134 -10.92 28.06 10.85
N THR D 135 -12.06 28.68 11.17
CA THR D 135 -12.76 29.46 10.16
C THR D 135 -12.45 30.95 10.31
N ARG D 136 -11.74 31.33 11.37
CA ARG D 136 -11.37 32.73 11.59
C ARG D 136 -9.83 32.88 11.47
N ALA D 137 -9.21 33.54 12.45
CA ALA D 137 -7.79 33.89 12.34
C ALA D 137 -6.89 32.75 12.76
N GLN D 138 -5.74 32.72 12.10
CA GLN D 138 -4.65 31.86 12.49
C GLN D 138 -3.95 32.52 13.67
N GLY D 139 -3.40 31.76 14.60
CA GLY D 139 -2.60 32.32 15.68
C GLY D 139 -1.31 32.97 15.19
N THR D 140 -0.69 33.79 16.05
CA THR D 140 0.56 34.45 15.67
C THR D 140 1.68 33.40 15.52
N TRP D 141 2.47 33.53 14.44
CA TRP D 141 3.74 32.78 14.33
C TRP D 141 4.82 33.37 15.23
N TYR D 142 5.40 32.51 16.04
CA TYR D 142 6.49 32.87 16.95
C TYR D 142 7.72 32.04 16.64
N GLN D 143 8.86 32.70 16.63
CA GLN D 143 10.15 32.02 16.46
C GLN D 143 10.69 31.56 17.81
N LYS D 144 11.17 30.32 17.86
CA LYS D 144 11.80 29.72 19.03
C LYS D 144 13.23 29.34 18.71
N THR D 145 14.08 29.39 19.72
CA THR D 145 15.53 29.10 19.63
C THR D 145 15.87 28.13 20.74
N VAL D 146 16.48 27.00 20.35
CA VAL D 146 16.84 25.93 21.24
C VAL D 146 18.30 25.57 20.97
N GLN D 147 19.10 25.50 22.04
CA GLN D 147 20.49 25.09 21.92
C GLN D 147 20.52 23.55 21.99
N LEU D 148 21.25 22.97 21.05
CA LEU D 148 21.43 21.55 20.94
C LEU D 148 22.78 21.10 21.48
N PRO D 149 22.78 20.11 22.39
CA PRO D 149 24.07 19.68 22.94
C PRO D 149 24.95 18.98 21.94
N ALA D 150 26.24 19.01 22.22
CA ALA D 150 27.17 18.21 21.43
C ALA D 150 26.77 16.76 21.40
N GLY D 151 26.88 16.15 20.22
CA GLY D 151 26.50 14.75 20.04
C GLY D 151 25.02 14.52 19.80
N THR D 152 24.22 15.59 19.68
CA THR D 152 22.84 15.47 19.20
C THR D 152 22.84 14.85 17.79
N LYS D 153 22.17 13.71 17.65
CA LYS D 153 21.99 13.00 16.34
C LYS D 153 20.61 13.24 15.76
N TYR D 154 19.58 13.41 16.59
CA TYR D 154 18.24 13.64 16.09
C TYR D 154 17.52 14.67 16.92
N VAL D 155 16.69 15.48 16.28
CA VAL D 155 15.79 16.40 16.96
C VAL D 155 14.38 15.95 16.68
N ALA D 156 13.55 15.85 17.72
CA ALA D 156 12.14 15.54 17.55
C ALA D 156 11.24 16.67 18.02
N PHE D 157 10.20 16.93 17.25
CA PHE D 157 9.09 17.79 17.62
C PHE D 157 7.91 16.90 17.99
N ARG D 158 7.37 17.06 19.21
CA ARG D 158 6.33 16.17 19.71
C ARG D 158 5.09 16.95 20.10
N HIS D 159 3.96 16.62 19.50
CA HIS D 159 2.65 17.17 19.85
C HIS D 159 1.92 16.12 20.69
N PHE D 160 1.64 16.46 21.95
CA PHE D 160 1.13 15.44 22.88
C PHE D 160 0.53 16.12 24.09
N GLY D 161 -0.10 15.31 24.93
CA GLY D 161 -0.59 15.85 26.22
C GLY D 161 -1.61 16.94 26.04
N CYS D 162 -2.46 16.79 25.02
CA CYS D 162 -3.52 17.73 24.77
C CYS D 162 -4.60 17.12 23.87
N THR D 163 -5.77 17.72 23.92
CA THR D 163 -6.93 17.24 23.16
C THR D 163 -7.95 18.36 23.01
N ASP D 164 -8.59 18.39 21.85
CA ASP D 164 -9.78 19.18 21.62
C ASP D 164 -9.52 20.69 21.48
N PHE D 165 -8.43 21.04 20.80
CA PHE D 165 -8.24 22.40 20.35
C PHE D 165 -8.35 22.47 18.84
N PHE D 166 -7.25 22.55 18.11
CA PHE D 166 -7.36 22.44 16.64
C PHE D 166 -6.07 21.80 16.09
N TRP D 167 -5.17 22.59 15.51
CA TRP D 167 -3.90 22.10 15.01
C TRP D 167 -2.78 22.99 15.50
N ILE D 168 -1.61 22.38 15.66
CA ILE D 168 -0.34 23.14 15.80
C ILE D 168 0.39 23.11 14.47
N ASN D 169 1.03 24.22 14.10
CA ASN D 169 1.78 24.33 12.88
C ASN D 169 3.24 24.63 13.19
N LEU D 170 4.14 24.06 12.38
CA LEU D 170 5.59 24.29 12.45
CA LEU D 170 5.58 24.28 12.46
C LEU D 170 6.09 24.67 11.07
N ASP D 171 7.09 25.53 10.99
CA ASP D 171 7.68 25.94 9.73
C ASP D 171 9.09 26.46 9.94
N ASP D 172 9.83 26.53 8.83
CA ASP D 172 11.14 27.15 8.80
C ASP D 172 12.07 26.66 9.91
N VAL D 173 12.28 25.35 9.91
CA VAL D 173 13.21 24.69 10.81
C VAL D 173 14.64 24.87 10.27
N VAL D 174 15.54 25.43 11.07
CA VAL D 174 16.95 25.64 10.65
C VAL D 174 17.85 25.16 11.77
N ILE D 175 18.83 24.31 11.46
CA ILE D 175 19.81 23.89 12.44
C ILE D 175 21.18 24.28 11.96
N THR D 176 21.91 24.95 12.84
CA THR D 176 23.26 25.40 12.55
C THR D 176 24.22 24.73 13.52
N SER D 177 25.38 24.31 13.03
CA SER D 177 26.34 23.63 13.88
C SER D 177 27.25 24.68 14.52
N GLY D 178 27.81 24.34 15.67
CA GLY D 178 28.67 25.28 16.40
C GLY D 178 28.13 25.69 17.76
CA CA E . -6.24 0.76 8.61
CA CA F . -13.35 -14.50 22.82
NA NA G . -8.40 -12.57 30.76
NA NA H . 5.27 3.77 23.50
NA NA I . -4.91 1.60 24.42
CA CA J . 4.93 -10.64 -8.49
CA CA K . 7.39 -28.37 -21.36
NA NA L . 3.34 -25.85 -29.67
NA NA M . -5.02 -5.63 -23.95
NA NA N . 4.18 -10.63 -24.38
CA CA O . 3.21 -0.96 -16.82
CA CA P . 0.54 18.81 -7.80
NA NA Q . -8.94 18.77 -5.30
NA NA R . 10.68 -4.39 -12.89
CA CA S . -1.45 10.13 16.09
CA CA T . 6.92 26.89 4.65
NA NA U . -9.69 8.73 12.59
#